data_3C6U
#
_entry.id   3C6U
#
_cell.length_a   118.750
_cell.length_b   154.200
_cell.length_c   156.150
_cell.angle_alpha   90.00
_cell.angle_beta   90.00
_cell.angle_gamma   90.00
#
_symmetry.space_group_name_H-M   'C 2 2 21'
#
loop_
_entity.id
_entity.type
_entity.pdbx_description
1 polymer 'Reverse transcriptase'
2 polymer 'Reverse transcriptase'
3 non-polymer 3-chloro-5-[2-chloro-5-(1H-indazol-3-ylmethoxy)phenoxy]benzonitrile
4 water water
#
loop_
_entity_poly.entity_id
_entity_poly.type
_entity_poly.pdbx_seq_one_letter_code
_entity_poly.pdbx_strand_id
1 'polypeptide(L)'
;MNSPISPIETVPVKLKPGMDGPKVKQWPLTEEKIKALVEICTEMEKEGKISKIGPENPYNTPVFAIKKKDSTKWRKLVDF
RELNKRTQDFWEVQLGIPHPAGLKKKKSVTVLDVGDAYFSVPLDEDFRKYTAFTIPSINNETPGIRYQYNVLPQGWKGSP
AIFQSSMTKILEPFRKQNPDIVIYQYMDDLYVGSDLEIGQHRTKIEELRQHLLRWGLTTPDKKHQKEPPFLWMGYELHPD
KWTVQPIVLPEKDSWTVNDIQKLVGKLNWASQIYPGIKVRQLCKLLRGTKALTEVIPLTEEAELELAENREILKEPVHGV
YYDPSKDLIAEIQKQGQGQWTYQIYQEPFKNLKTGKYARMRGAHTNDVKQLTEAVQKITTESIVIWGKTPKFKLPIQKET
WETWWTEYWQATWIPEWEFVNTPPLVKLWYQLEKEPIVGAETFYVDGAANRETKLGKAGYVTNRGRQKVVTLTDTTNQKT
ELQAIYLALQDSGLEVNIVTDSQYALGIIQAQPDQSESELVNQIIEQLIKKEKVYLAWVPAHKGIGGNEQVDKLVSAGIR
KVL
;
A
2 'polypeptide(L)'
;MNSPISPIETVPVKLKPGMDGPKVKQWPLTEEKIKALVEICTEMEKEGKISKIGPENPYNTPVFAIKKKDSTKWRKLVDF
RELNKRTQDFWEVQLGIPHPAGLKKKKSVTVLDVGDAYFSVPLDEDFRKYTAFTIPSINNETPGIRYQYNVLPQGWKGSP
AIFQSSMTKILEPFRKQNPDIVIYQYMDDLYVGSDLEIGQHRTKIEELRQHLLRWGLTTPDKKHQKEPPFLWMGYELHPD
KWTVQPIVLPEKDSWTVNDIQKLVGKLNWASQIYPGIKVRQLCKLLRGTKALTEVIPLTEEAELELAENREILKEPVHGV
YYDPSKDLIAEIQKQGQGQWTYQIYQEPFKNLKTGKYARMRGAHTNDVKQLTEAVQKITTESIVIWGKTPKFKLPIQKET
WETWWTEYWQATWIPEWEFVNTPPLVKLWYQLEKEPIVGAETF
;
B
#
loop_
_chem_comp.id
_chem_comp.type
_chem_comp.name
_chem_comp.formula
M22 non-polymer 3-chloro-5-[2-chloro-5-(1H-indazol-3-ylmethoxy)phenoxy]benzonitrile 'C21 H13 Cl2 N3 O2'
#
# COMPACT_ATOMS: atom_id res chain seq x y z
N SER A 3 -40.81 -5.77 21.62
CA SER A 3 -40.15 -4.84 20.69
C SER A 3 -40.47 -5.21 19.24
N PRO A 4 -40.70 -4.19 18.39
CA PRO A 4 -41.00 -4.45 16.97
C PRO A 4 -39.87 -5.24 16.32
N ILE A 5 -40.21 -5.98 15.27
CA ILE A 5 -39.24 -6.78 14.56
C ILE A 5 -39.22 -6.41 13.09
N SER A 6 -38.63 -5.25 12.80
CA SER A 6 -38.50 -4.70 11.45
C SER A 6 -39.17 -5.44 10.30
N PRO A 7 -40.05 -4.74 9.57
CA PRO A 7 -40.76 -5.30 8.42
C PRO A 7 -39.85 -5.46 7.20
N ILE A 8 -38.63 -4.96 7.32
CA ILE A 8 -37.67 -4.97 6.20
C ILE A 8 -37.27 -6.29 5.58
N GLU A 9 -36.72 -6.19 4.37
CA GLU A 9 -36.29 -7.36 3.62
C GLU A 9 -35.19 -8.14 4.34
N THR A 10 -34.98 -9.37 3.90
CA THR A 10 -34.03 -10.27 4.53
C THR A 10 -32.76 -10.45 3.71
N VAL A 11 -31.64 -10.61 4.39
CA VAL A 11 -30.36 -10.82 3.74
C VAL A 11 -30.13 -12.31 3.57
N PRO A 12 -30.18 -12.81 2.33
CA PRO A 12 -29.97 -14.25 2.18
C PRO A 12 -28.61 -14.67 2.72
N VAL A 13 -28.63 -15.60 3.67
CA VAL A 13 -27.40 -16.11 4.26
C VAL A 13 -27.19 -17.56 3.84
N LYS A 14 -25.93 -17.93 3.65
CA LYS A 14 -25.58 -19.27 3.22
C LYS A 14 -24.43 -19.82 4.05
N LEU A 15 -24.34 -21.14 4.15
CA LEU A 15 -23.28 -21.78 4.89
C LEU A 15 -22.04 -21.85 3.97
N LYS A 16 -20.89 -22.18 4.54
CA LYS A 16 -19.68 -22.29 3.74
C LYS A 16 -19.73 -23.56 2.89
N PRO A 17 -19.46 -23.42 1.58
CA PRO A 17 -19.48 -24.47 0.57
C PRO A 17 -18.95 -25.81 1.05
N GLY A 18 -19.70 -26.88 0.79
CA GLY A 18 -19.31 -28.22 1.17
C GLY A 18 -19.45 -28.45 2.66
N MET A 19 -20.12 -27.53 3.34
CA MET A 19 -20.33 -27.64 4.77
C MET A 19 -21.80 -27.67 5.11
N ASP A 20 -22.14 -28.32 6.22
CA ASP A 20 -23.52 -28.42 6.67
C ASP A 20 -23.65 -27.69 8.00
N GLY A 21 -24.90 -27.38 8.37
CA GLY A 21 -25.18 -26.69 9.62
C GLY A 21 -24.57 -27.43 10.79
N PRO A 22 -24.51 -26.78 11.96
CA PRO A 22 -23.92 -27.44 13.12
C PRO A 22 -24.85 -28.48 13.74
N LYS A 23 -24.26 -29.43 14.44
CA LYS A 23 -25.01 -30.47 15.14
C LYS A 23 -24.20 -30.80 16.39
N VAL A 24 -24.20 -29.88 17.35
CA VAL A 24 -23.45 -30.05 18.58
C VAL A 24 -24.33 -30.52 19.74
N LYS A 25 -23.82 -31.48 20.50
CA LYS A 25 -24.55 -32.06 21.61
C LYS A 25 -24.67 -31.10 22.79
N GLN A 26 -25.82 -31.12 23.44
CA GLN A 26 -26.08 -30.26 24.58
C GLN A 26 -25.64 -30.90 25.90
N TRP A 27 -24.82 -30.18 26.65
CA TRP A 27 -24.39 -30.65 27.97
C TRP A 27 -25.64 -30.60 28.83
N PRO A 28 -25.75 -31.50 29.82
CA PRO A 28 -26.96 -31.37 30.64
C PRO A 28 -26.75 -30.32 31.73
N LEU A 29 -27.75 -29.47 31.95
CA LEU A 29 -27.63 -28.41 32.95
C LEU A 29 -28.41 -28.69 34.24
N THR A 30 -28.09 -27.94 35.28
CA THR A 30 -28.77 -28.09 36.58
C THR A 30 -30.23 -27.68 36.45
N GLU A 31 -31.04 -28.05 37.44
CA GLU A 31 -32.45 -27.71 37.42
C GLU A 31 -32.66 -26.19 37.43
N GLU A 32 -31.86 -25.48 38.22
CA GLU A 32 -31.97 -24.02 38.30
C GLU A 32 -31.74 -23.33 36.96
N LYS A 33 -30.85 -23.91 36.15
CA LYS A 33 -30.53 -23.37 34.84
C LYS A 33 -31.60 -23.73 33.80
N ILE A 34 -32.03 -24.99 33.79
CA ILE A 34 -33.08 -25.41 32.85
C ILE A 34 -34.31 -24.55 33.12
N LYS A 35 -34.50 -24.18 34.38
CA LYS A 35 -35.63 -23.33 34.74
C LYS A 35 -35.48 -21.96 34.11
N ALA A 36 -34.37 -21.29 34.40
CA ALA A 36 -34.09 -19.96 33.86
C ALA A 36 -34.31 -19.92 32.35
N LEU A 37 -33.65 -20.83 31.64
CA LEU A 37 -33.78 -20.87 30.19
C LEU A 37 -35.22 -21.04 29.74
N VAL A 38 -36.02 -21.80 30.50
CA VAL A 38 -37.42 -21.97 30.15
C VAL A 38 -38.19 -20.66 30.34
N GLU A 39 -37.77 -19.87 31.32
CA GLU A 39 -38.41 -18.59 31.61
C GLU A 39 -38.03 -17.60 30.52
N ILE A 40 -36.72 -17.53 30.26
CA ILE A 40 -36.17 -16.64 29.25
C ILE A 40 -36.74 -16.95 27.88
N CYS A 41 -36.70 -18.22 27.52
CA CYS A 41 -37.15 -18.66 26.21
C CYS A 41 -38.62 -18.42 25.89
N THR A 42 -39.51 -18.67 26.85
CA THR A 42 -40.92 -18.44 26.56
C THR A 42 -41.13 -16.97 26.25
N GLU A 43 -40.51 -16.10 27.04
CA GLU A 43 -40.63 -14.66 26.83
C GLU A 43 -40.17 -14.29 25.41
N MET A 44 -38.97 -14.74 25.05
CA MET A 44 -38.42 -14.51 23.71
C MET A 44 -39.41 -14.98 22.65
N GLU A 45 -39.93 -16.18 22.83
CA GLU A 45 -40.89 -16.77 21.91
C GLU A 45 -42.12 -15.87 21.80
N LYS A 46 -42.59 -15.39 22.95
CA LYS A 46 -43.74 -14.50 23.04
C LYS A 46 -43.53 -13.29 22.15
N GLU A 47 -42.39 -12.64 22.34
CA GLU A 47 -42.01 -11.45 21.59
C GLU A 47 -41.62 -11.73 20.13
N GLY A 48 -41.70 -12.99 19.71
CA GLY A 48 -41.41 -13.38 18.34
C GLY A 48 -39.93 -13.60 18.03
N LYS A 49 -39.07 -13.32 19.00
CA LYS A 49 -37.64 -13.46 18.84
C LYS A 49 -37.18 -14.89 18.48
N ILE A 50 -37.81 -15.89 19.09
CA ILE A 50 -37.51 -17.29 18.78
C ILE A 50 -38.78 -18.11 18.58
N SER A 51 -38.66 -19.20 17.83
CA SER A 51 -39.80 -20.07 17.57
C SER A 51 -39.55 -21.52 17.92
N LYS A 52 -40.58 -22.15 18.49
CA LYS A 52 -40.52 -23.55 18.89
C LYS A 52 -40.51 -24.45 17.67
N ILE A 53 -39.69 -25.50 17.68
CA ILE A 53 -39.63 -26.44 16.58
C ILE A 53 -39.55 -27.88 17.08
N GLY A 54 -39.60 -28.84 16.16
CA GLY A 54 -39.55 -30.25 16.51
C GLY A 54 -38.15 -30.85 16.52
N PRO A 55 -38.07 -32.19 16.47
CA PRO A 55 -36.83 -32.98 16.47
C PRO A 55 -36.47 -33.43 15.06
N GLU A 56 -37.22 -32.93 14.08
CA GLU A 56 -36.97 -33.22 12.67
C GLU A 56 -35.84 -32.30 12.20
N ASN A 57 -35.59 -31.24 12.96
CA ASN A 57 -34.48 -30.32 12.69
C ASN A 57 -33.28 -30.93 13.39
N PRO A 58 -32.32 -31.45 12.60
CA PRO A 58 -31.07 -32.17 12.88
C PRO A 58 -29.97 -31.31 13.45
N TYR A 59 -30.14 -30.00 13.38
CA TYR A 59 -29.13 -29.07 13.84
C TYR A 59 -29.20 -28.78 15.32
N ASN A 60 -28.17 -28.14 15.84
CA ASN A 60 -28.13 -27.81 17.26
C ASN A 60 -26.86 -27.07 17.68
N THR A 61 -27.06 -26.12 18.57
CA THR A 61 -25.98 -25.31 19.14
C THR A 61 -26.11 -25.45 20.66
N PRO A 62 -24.98 -25.41 21.38
CA PRO A 62 -25.25 -25.56 22.81
C PRO A 62 -25.74 -24.26 23.47
N VAL A 63 -26.59 -24.43 24.48
CA VAL A 63 -27.14 -23.31 25.23
C VAL A 63 -26.61 -23.37 26.66
N PHE A 64 -26.57 -22.22 27.32
CA PHE A 64 -26.07 -22.14 28.68
C PHE A 64 -26.71 -20.97 29.39
N ALA A 65 -26.66 -20.96 30.71
CA ALA A 65 -27.25 -19.88 31.48
C ALA A 65 -26.35 -19.47 32.63
N ILE A 66 -26.02 -18.18 32.67
CA ILE A 66 -25.19 -17.64 33.73
C ILE A 66 -26.06 -16.81 34.66
N LYS A 67 -25.56 -16.53 35.85
CA LYS A 67 -26.30 -15.75 36.83
C LYS A 67 -26.01 -14.26 36.69
N LYS A 68 -26.05 -13.56 37.82
CA LYS A 68 -25.81 -12.13 37.83
C LYS A 68 -24.73 -11.76 38.84
N LYS A 69 -23.60 -11.26 38.33
CA LYS A 69 -22.54 -10.79 39.21
C LYS A 69 -23.24 -9.70 40.02
N ASP A 70 -23.39 -9.93 41.32
CA ASP A 70 -24.10 -9.02 42.23
C ASP A 70 -25.61 -9.28 42.21
N SER A 71 -26.22 -9.12 41.05
CA SER A 71 -27.67 -9.30 40.89
C SER A 71 -28.15 -10.75 40.93
N THR A 72 -29.45 -10.93 40.70
CA THR A 72 -30.06 -12.26 40.71
C THR A 72 -30.92 -12.55 39.47
N LYS A 73 -30.41 -12.16 38.31
CA LYS A 73 -31.09 -12.41 37.05
C LYS A 73 -30.29 -13.47 36.31
N TRP A 74 -30.90 -14.09 35.32
CA TRP A 74 -30.20 -15.10 34.54
C TRP A 74 -30.05 -14.64 33.10
N ARG A 75 -28.87 -14.89 32.54
CA ARG A 75 -28.62 -14.55 31.15
C ARG A 75 -28.41 -15.87 30.41
N LYS A 76 -28.99 -15.97 29.22
CA LYS A 76 -28.83 -17.17 28.43
C LYS A 76 -27.71 -16.94 27.43
N LEU A 77 -26.73 -17.85 27.41
CA LEU A 77 -25.62 -17.75 26.46
C LEU A 77 -25.65 -18.87 25.44
N VAL A 78 -25.65 -18.49 24.17
CA VAL A 78 -25.67 -19.44 23.07
C VAL A 78 -24.28 -19.47 22.44
N ASP A 79 -23.64 -20.63 22.47
CA ASP A 79 -22.30 -20.78 21.92
C ASP A 79 -22.38 -21.04 20.42
N PHE A 80 -22.33 -19.96 19.64
CA PHE A 80 -22.44 -20.05 18.19
C PHE A 80 -21.11 -20.32 17.48
N ARG A 81 -20.14 -20.86 18.22
CA ARG A 81 -18.84 -21.15 17.65
C ARG A 81 -18.89 -22.01 16.37
N GLU A 82 -19.53 -23.17 16.45
CA GLU A 82 -19.62 -24.07 15.30
C GLU A 82 -20.47 -23.55 14.15
N LEU A 83 -21.48 -22.74 14.45
CA LEU A 83 -22.32 -22.21 13.38
C LEU A 83 -21.54 -21.10 12.69
N ASN A 84 -20.78 -20.34 13.49
CA ASN A 84 -19.99 -19.24 12.97
C ASN A 84 -18.90 -19.78 12.05
N LYS A 85 -18.36 -20.93 12.43
CA LYS A 85 -17.31 -21.57 11.66
C LYS A 85 -17.84 -22.15 10.34
N ARG A 86 -19.16 -22.27 10.26
CA ARG A 86 -19.82 -22.83 9.09
C ARG A 86 -20.54 -21.77 8.26
N THR A 87 -20.67 -20.58 8.82
CA THR A 87 -21.34 -19.47 8.15
C THR A 87 -20.40 -18.79 7.14
N GLN A 88 -20.97 -18.39 6.01
CA GLN A 88 -20.22 -17.71 4.97
C GLN A 88 -19.58 -16.44 5.54
N ASP A 89 -18.53 -15.97 4.88
CA ASP A 89 -17.88 -14.74 5.32
C ASP A 89 -18.72 -13.57 4.77
N PHE A 90 -18.82 -12.48 5.53
CA PHE A 90 -19.61 -11.33 5.12
C PHE A 90 -18.68 -10.19 4.76
N TRP A 91 -19.25 -9.10 4.24
CA TRP A 91 -18.43 -7.94 3.93
C TRP A 91 -18.02 -7.27 5.25
N GLU A 92 -16.82 -6.72 5.28
CA GLU A 92 -16.32 -6.04 6.47
C GLU A 92 -17.20 -4.85 6.85
N VAL A 93 -17.86 -4.93 8.00
CA VAL A 93 -18.75 -3.88 8.51
C VAL A 93 -18.21 -2.49 8.19
N GLN A 94 -17.59 -1.84 9.16
CA GLN A 94 -16.95 -0.55 8.92
C GLN A 94 -15.45 -0.79 8.93
N LEU A 95 -14.76 -0.26 7.93
CA LEU A 95 -13.31 -0.45 7.83
C LEU A 95 -12.55 0.77 8.36
N GLY A 96 -13.10 1.39 9.41
CA GLY A 96 -12.51 2.57 10.04
C GLY A 96 -13.53 3.28 10.90
N ILE A 97 -13.08 4.17 11.77
CA ILE A 97 -14.00 4.90 12.65
C ILE A 97 -13.77 6.40 12.59
N PRO A 98 -14.86 7.19 12.57
CA PRO A 98 -14.77 8.64 12.46
C PRO A 98 -13.83 9.27 13.47
N HIS A 99 -12.97 10.16 12.99
CA HIS A 99 -12.08 10.85 13.88
C HIS A 99 -12.66 12.23 14.12
N PRO A 100 -12.85 12.59 15.40
CA PRO A 100 -13.39 13.86 15.88
C PRO A 100 -12.92 15.04 15.01
N ALA A 101 -11.62 15.13 14.82
CA ALA A 101 -10.99 16.20 14.06
C ALA A 101 -11.48 16.28 12.61
N GLY A 102 -12.25 15.28 12.19
CA GLY A 102 -12.79 15.24 10.84
C GLY A 102 -14.25 15.63 10.85
N LEU A 103 -14.77 15.91 12.06
CA LEU A 103 -16.18 16.29 12.21
C LEU A 103 -16.34 17.77 11.97
N LYS A 104 -17.35 18.12 11.19
CA LYS A 104 -17.65 19.51 10.91
C LYS A 104 -18.58 20.07 12.00
N LYS A 105 -18.40 21.33 12.37
CA LYS A 105 -19.26 21.92 13.37
C LYS A 105 -20.70 22.01 12.83
N LYS A 106 -21.65 21.56 13.64
CA LYS A 106 -23.07 21.58 13.27
C LYS A 106 -23.88 22.30 14.35
N LYS A 107 -24.95 22.97 13.92
CA LYS A 107 -25.81 23.72 14.85
C LYS A 107 -26.23 22.86 16.03
N SER A 108 -26.94 21.76 15.75
CA SER A 108 -27.38 20.85 16.80
C SER A 108 -27.21 19.39 16.40
N VAL A 109 -26.74 18.57 17.33
CA VAL A 109 -26.55 17.14 17.09
C VAL A 109 -27.20 16.31 18.20
N THR A 110 -27.95 15.29 17.79
CA THR A 110 -28.57 14.39 18.75
C THR A 110 -28.10 12.96 18.46
N VAL A 111 -27.65 12.26 19.50
CA VAL A 111 -27.20 10.88 19.35
C VAL A 111 -28.40 9.95 19.60
N LEU A 112 -28.58 8.99 18.70
CA LEU A 112 -29.70 8.07 18.79
C LEU A 112 -29.25 6.62 18.78
N ASP A 113 -29.30 5.97 19.93
CA ASP A 113 -28.95 4.56 20.01
C ASP A 113 -30.20 3.73 19.80
N VAL A 114 -30.13 2.79 18.85
CA VAL A 114 -31.26 1.90 18.61
C VAL A 114 -31.29 0.89 19.77
N GLY A 115 -32.47 0.66 20.33
CA GLY A 115 -32.62 -0.29 21.42
C GLY A 115 -32.87 -1.69 20.89
N ASP A 116 -32.20 -2.68 21.49
CA ASP A 116 -32.35 -4.07 21.07
C ASP A 116 -32.15 -4.19 19.57
N ALA A 117 -31.00 -3.72 19.10
CA ALA A 117 -30.69 -3.71 17.68
C ALA A 117 -30.86 -5.02 16.92
N TYR A 118 -30.06 -6.03 17.26
CA TYR A 118 -30.12 -7.33 16.56
C TYR A 118 -31.49 -7.97 16.62
N PHE A 119 -32.11 -7.89 17.79
CA PHE A 119 -33.42 -8.49 17.99
C PHE A 119 -34.55 -7.75 17.27
N SER A 120 -34.27 -6.55 16.78
CA SER A 120 -35.26 -5.76 16.05
C SER A 120 -35.18 -6.01 14.54
N VAL A 121 -34.34 -6.95 14.11
CA VAL A 121 -34.22 -7.27 12.69
C VAL A 121 -34.24 -8.78 12.40
N PRO A 122 -35.09 -9.21 11.46
CA PRO A 122 -35.38 -10.58 10.99
C PRO A 122 -34.16 -11.31 10.44
N LEU A 123 -34.29 -12.62 10.30
CA LEU A 123 -33.18 -13.45 9.81
C LEU A 123 -33.67 -14.35 8.69
N ASP A 124 -32.90 -14.44 7.60
CA ASP A 124 -33.25 -15.27 6.45
C ASP A 124 -33.99 -16.56 6.81
N GLU A 125 -35.26 -16.62 6.43
CA GLU A 125 -36.12 -17.76 6.74
C GLU A 125 -35.47 -19.12 6.62
N ASP A 126 -34.71 -19.34 5.56
CA ASP A 126 -34.09 -20.64 5.33
C ASP A 126 -32.78 -20.88 6.07
N PHE A 127 -32.34 -19.91 6.86
CA PHE A 127 -31.12 -20.06 7.64
C PHE A 127 -31.46 -20.26 9.11
N ARG A 128 -32.65 -19.80 9.49
CA ARG A 128 -33.14 -19.92 10.86
C ARG A 128 -32.93 -21.32 11.40
N LYS A 129 -33.01 -22.31 10.51
CA LYS A 129 -32.88 -23.71 10.88
C LYS A 129 -31.57 -24.09 11.55
N TYR A 130 -30.46 -23.48 11.11
CA TYR A 130 -29.16 -23.83 11.68
C TYR A 130 -28.94 -23.26 13.08
N THR A 131 -29.78 -22.31 13.48
CA THR A 131 -29.70 -21.68 14.80
C THR A 131 -30.47 -22.43 15.87
N ALA A 132 -30.83 -23.68 15.57
CA ALA A 132 -31.58 -24.49 16.53
C ALA A 132 -30.78 -24.80 17.79
N PHE A 133 -31.45 -24.69 18.93
CA PHE A 133 -30.84 -25.03 20.21
C PHE A 133 -31.87 -25.79 21.06
N THR A 134 -31.41 -26.39 22.14
CA THR A 134 -32.29 -27.20 22.99
C THR A 134 -32.12 -26.92 24.47
N ILE A 135 -33.23 -26.84 25.19
CA ILE A 135 -33.20 -26.68 26.64
C ILE A 135 -33.36 -28.10 27.15
N PRO A 136 -32.25 -28.70 27.61
CA PRO A 136 -32.30 -30.09 28.05
C PRO A 136 -33.41 -30.37 29.07
N SER A 137 -33.91 -31.60 29.06
CA SER A 137 -34.91 -32.03 30.01
C SER A 137 -34.20 -32.36 31.33
N ILE A 138 -34.96 -32.49 32.40
CA ILE A 138 -34.36 -32.77 33.71
C ILE A 138 -33.54 -34.05 33.73
N ASN A 139 -32.33 -33.96 33.17
CA ASN A 139 -31.38 -35.07 33.06
C ASN A 139 -31.48 -35.81 31.74
N ASN A 140 -31.76 -37.10 31.76
CA ASN A 140 -31.83 -37.85 30.52
C ASN A 140 -33.25 -37.97 29.95
N GLU A 141 -34.20 -38.31 30.81
CA GLU A 141 -35.59 -38.45 30.37
C GLU A 141 -36.08 -37.21 29.62
N THR A 142 -37.20 -37.36 28.92
CA THR A 142 -37.80 -36.28 28.14
C THR A 142 -36.84 -35.64 27.15
N PRO A 143 -37.27 -35.52 25.89
CA PRO A 143 -36.47 -34.86 24.87
C PRO A 143 -36.49 -33.35 25.10
N GLY A 144 -35.38 -32.68 24.85
CA GLY A 144 -35.30 -31.25 25.07
C GLY A 144 -36.42 -30.45 24.45
N ILE A 145 -36.38 -29.14 24.66
CA ILE A 145 -37.35 -28.23 24.07
C ILE A 145 -36.57 -27.46 23.00
N ARG A 146 -36.82 -27.80 21.73
CA ARG A 146 -36.11 -27.18 20.62
C ARG A 146 -36.65 -25.82 20.24
N TYR A 147 -35.74 -24.92 19.90
CA TYR A 147 -36.08 -23.57 19.48
C TYR A 147 -35.21 -23.17 18.29
N GLN A 148 -35.53 -22.04 17.68
CA GLN A 148 -34.75 -21.49 16.58
C GLN A 148 -35.01 -19.99 16.50
N TYR A 149 -34.07 -19.25 15.91
CA TYR A 149 -34.18 -17.79 15.85
C TYR A 149 -35.00 -17.25 14.68
N ASN A 150 -35.62 -16.09 14.90
CA ASN A 150 -36.39 -15.41 13.86
C ASN A 150 -35.75 -14.04 13.66
N VAL A 151 -34.82 -13.71 14.56
CA VAL A 151 -34.10 -12.45 14.52
C VAL A 151 -32.59 -12.70 14.48
N LEU A 152 -31.81 -11.61 14.47
CA LEU A 152 -30.36 -11.72 14.45
C LEU A 152 -29.85 -12.13 15.83
N PRO A 153 -29.23 -13.31 15.93
CA PRO A 153 -28.77 -13.71 17.27
C PRO A 153 -27.48 -13.01 17.69
N GLN A 154 -27.31 -12.86 19.00
CA GLN A 154 -26.11 -12.22 19.52
C GLN A 154 -24.98 -13.24 19.50
N GLY A 155 -23.79 -12.81 19.06
CA GLY A 155 -22.64 -13.70 18.99
C GLY A 155 -22.49 -14.40 17.66
N TRP A 156 -23.47 -14.23 16.78
CA TRP A 156 -23.42 -14.83 15.45
C TRP A 156 -22.69 -13.97 14.42
N LYS A 157 -21.82 -14.63 13.66
CA LYS A 157 -20.99 -14.03 12.63
C LYS A 157 -21.57 -12.90 11.80
N GLY A 158 -22.81 -13.06 11.35
CA GLY A 158 -23.42 -12.10 10.44
C GLY A 158 -24.31 -11.00 10.99
N SER A 159 -24.59 -11.01 12.29
CA SER A 159 -25.47 -9.99 12.86
C SER A 159 -24.99 -8.56 12.64
N PRO A 160 -23.75 -8.25 13.07
CA PRO A 160 -23.23 -6.88 12.89
C PRO A 160 -23.32 -6.41 11.44
N ALA A 161 -23.05 -7.31 10.50
CA ALA A 161 -23.07 -6.98 9.08
C ALA A 161 -24.49 -6.75 8.57
N ILE A 162 -25.40 -7.68 8.87
CA ILE A 162 -26.78 -7.58 8.44
C ILE A 162 -27.55 -6.45 9.11
N PHE A 163 -27.23 -6.15 10.36
CA PHE A 163 -27.90 -5.04 11.03
C PHE A 163 -27.55 -3.74 10.33
N GLN A 164 -26.25 -3.54 10.11
CA GLN A 164 -25.77 -2.35 9.46
C GLN A 164 -26.45 -2.18 8.10
N SER A 165 -26.45 -3.25 7.30
CA SER A 165 -27.07 -3.20 5.98
C SER A 165 -28.50 -2.70 6.10
N SER A 166 -29.25 -3.32 7.00
CA SER A 166 -30.64 -2.96 7.23
C SER A 166 -30.78 -1.48 7.56
N MET A 167 -30.00 -1.01 8.53
CA MET A 167 -30.01 0.38 8.93
C MET A 167 -29.64 1.31 7.76
N THR A 168 -28.82 0.81 6.85
CA THR A 168 -28.43 1.59 5.68
C THR A 168 -29.63 1.68 4.77
N LYS A 169 -30.20 0.53 4.43
CA LYS A 169 -31.38 0.46 3.58
C LYS A 169 -32.55 1.25 4.19
N ILE A 170 -32.71 1.16 5.50
CA ILE A 170 -33.80 1.85 6.17
C ILE A 170 -33.66 3.38 6.16
N LEU A 171 -32.43 3.87 5.98
CA LEU A 171 -32.17 5.31 6.00
C LEU A 171 -32.16 6.00 4.64
N GLU A 172 -31.75 5.26 3.60
CA GLU A 172 -31.63 5.79 2.24
C GLU A 172 -32.71 6.81 1.89
N PRO A 173 -33.99 6.40 2.00
CA PRO A 173 -35.14 7.26 1.75
C PRO A 173 -34.96 8.62 2.42
N PHE A 174 -34.84 8.60 3.75
CA PHE A 174 -34.66 9.81 4.55
C PHE A 174 -33.50 10.68 4.08
N ARG A 175 -32.40 10.03 3.69
CA ARG A 175 -31.21 10.74 3.25
C ARG A 175 -31.42 11.53 1.95
N LYS A 176 -32.36 11.08 1.13
CA LYS A 176 -32.69 11.77 -0.10
C LYS A 176 -33.38 13.08 0.27
N GLN A 177 -34.50 12.96 0.97
CA GLN A 177 -35.29 14.11 1.39
C GLN A 177 -34.67 14.91 2.53
N ASN A 178 -33.37 14.74 2.74
CA ASN A 178 -32.66 15.46 3.80
C ASN A 178 -31.16 15.50 3.52
N PRO A 179 -30.77 16.06 2.36
CA PRO A 179 -29.35 16.11 2.00
C PRO A 179 -28.51 16.91 2.99
N ASP A 180 -29.10 17.97 3.53
CA ASP A 180 -28.41 18.84 4.47
C ASP A 180 -28.22 18.22 5.86
N ILE A 181 -28.78 17.03 6.06
CA ILE A 181 -28.66 16.36 7.34
C ILE A 181 -27.60 15.28 7.38
N VAL A 182 -26.78 15.31 8.41
CA VAL A 182 -25.71 14.36 8.60
C VAL A 182 -26.11 13.26 9.58
N ILE A 183 -25.94 12.02 9.16
CA ILE A 183 -26.27 10.88 10.00
C ILE A 183 -25.05 9.98 10.05
N TYR A 184 -24.47 9.82 11.23
CA TYR A 184 -23.31 8.96 11.38
C TYR A 184 -23.75 7.58 11.85
N GLN A 185 -23.47 6.58 11.03
CA GLN A 185 -23.82 5.21 11.35
C GLN A 185 -22.62 4.55 12.04
N TYR A 186 -22.74 4.33 13.34
CA TYR A 186 -21.68 3.67 14.09
C TYR A 186 -22.25 2.57 14.98
N MET A 187 -22.00 1.33 14.61
CA MET A 187 -22.54 0.20 15.35
C MET A 187 -24.07 0.31 15.34
N ASP A 188 -24.68 0.42 16.52
CA ASP A 188 -26.13 0.55 16.55
C ASP A 188 -26.58 1.94 16.99
N ASP A 189 -25.73 2.93 16.71
CA ASP A 189 -25.98 4.31 17.05
C ASP A 189 -26.25 5.10 15.77
N LEU A 190 -26.83 6.28 15.94
CA LEU A 190 -27.10 7.20 14.85
C LEU A 190 -26.73 8.57 15.40
N TYR A 191 -25.88 9.31 14.69
CA TYR A 191 -25.50 10.64 15.14
C TYR A 191 -26.03 11.65 14.14
N VAL A 192 -27.01 12.43 14.59
CA VAL A 192 -27.69 13.39 13.72
C VAL A 192 -27.34 14.84 13.98
N GLY A 193 -26.96 15.55 12.91
CA GLY A 193 -26.61 16.94 13.01
C GLY A 193 -27.05 17.72 11.78
N SER A 194 -27.59 18.91 12.01
CA SER A 194 -28.04 19.77 10.94
C SER A 194 -27.76 21.20 11.36
N ASP A 195 -27.98 22.14 10.44
CA ASP A 195 -27.74 23.54 10.77
C ASP A 195 -29.03 24.34 10.96
N LEU A 196 -30.16 23.65 10.99
CA LEU A 196 -31.43 24.31 11.22
C LEU A 196 -31.50 24.73 12.68
N GLU A 197 -32.41 25.66 12.97
CA GLU A 197 -32.61 26.15 14.32
C GLU A 197 -33.19 24.99 15.11
N ILE A 198 -33.13 25.06 16.43
CA ILE A 198 -33.63 23.97 17.27
C ILE A 198 -34.99 23.46 16.81
N GLY A 199 -35.84 24.38 16.36
CA GLY A 199 -37.16 24.05 15.88
C GLY A 199 -37.16 22.91 14.90
N GLN A 200 -36.98 23.22 13.62
CA GLN A 200 -36.97 22.20 12.58
C GLN A 200 -36.03 21.04 12.91
N HIS A 201 -35.17 21.22 13.90
CA HIS A 201 -34.26 20.14 14.29
C HIS A 201 -34.96 19.16 15.21
N ARG A 202 -35.40 19.64 16.37
CA ARG A 202 -36.11 18.79 17.32
C ARG A 202 -37.31 18.18 16.61
N THR A 203 -37.68 18.78 15.49
CA THR A 203 -38.79 18.32 14.66
C THR A 203 -38.31 17.27 13.67
N LYS A 204 -37.26 17.61 12.93
CA LYS A 204 -36.70 16.71 11.91
C LYS A 204 -36.24 15.41 12.56
N ILE A 205 -35.67 15.52 13.75
CA ILE A 205 -35.22 14.35 14.49
C ILE A 205 -36.42 13.43 14.73
N GLU A 206 -37.57 14.03 14.94
CA GLU A 206 -38.81 13.31 15.18
C GLU A 206 -39.32 12.61 13.93
N GLU A 207 -39.25 13.29 12.79
CA GLU A 207 -39.67 12.70 11.54
C GLU A 207 -38.75 11.50 11.30
N LEU A 208 -37.55 11.58 11.87
CA LEU A 208 -36.56 10.52 11.76
C LEU A 208 -36.95 9.33 12.63
N ARG A 209 -37.01 9.56 13.94
CA ARG A 209 -37.38 8.50 14.89
C ARG A 209 -38.62 7.76 14.38
N GLN A 210 -39.59 8.52 13.89
CA GLN A 210 -40.82 7.95 13.36
C GLN A 210 -40.55 7.07 12.15
N HIS A 211 -39.84 7.61 11.17
CA HIS A 211 -39.51 6.85 9.98
C HIS A 211 -38.81 5.58 10.41
N LEU A 212 -37.99 5.71 11.44
CA LEU A 212 -37.26 4.58 11.99
C LEU A 212 -38.26 3.54 12.48
N LEU A 213 -39.30 3.99 13.17
CA LEU A 213 -40.33 3.10 13.70
C LEU A 213 -41.19 2.32 12.70
N ARG A 214 -41.55 2.93 11.58
CA ARG A 214 -42.32 2.20 10.57
C ARG A 214 -41.47 1.01 10.12
N TRP A 215 -40.20 1.02 10.51
CA TRP A 215 -39.28 -0.03 10.12
C TRP A 215 -38.79 -0.90 11.27
N GLY A 216 -39.57 -0.89 12.37
CA GLY A 216 -39.31 -1.70 13.54
C GLY A 216 -38.23 -1.20 14.48
N LEU A 217 -37.71 -0.01 14.21
CA LEU A 217 -36.62 0.54 15.01
C LEU A 217 -37.00 1.63 16.01
N THR A 218 -36.81 1.32 17.28
CA THR A 218 -37.09 2.24 18.37
C THR A 218 -35.83 3.01 18.74
N THR A 219 -35.99 4.25 19.20
CA THR A 219 -34.86 5.09 19.57
C THR A 219 -35.22 5.94 20.79
N PRO A 220 -34.21 6.55 21.42
CA PRO A 220 -34.65 7.34 22.58
C PRO A 220 -35.32 8.64 22.17
N ASP A 221 -36.31 9.05 22.94
CA ASP A 221 -37.02 10.30 22.68
C ASP A 221 -36.32 11.37 23.49
N LYS A 222 -36.66 12.63 23.26
CA LYS A 222 -36.05 13.73 23.99
C LYS A 222 -36.16 13.47 25.49
N LYS A 223 -35.40 14.24 26.27
CA LYS A 223 -35.38 14.05 27.73
C LYS A 223 -34.55 12.80 28.02
N HIS A 224 -34.61 11.83 27.12
CA HIS A 224 -33.82 10.61 27.25
C HIS A 224 -32.62 10.65 26.32
N GLN A 225 -32.67 11.57 25.34
CA GLN A 225 -31.57 11.77 24.41
C GLN A 225 -30.42 12.39 25.22
N LYS A 226 -29.20 11.92 24.98
CA LYS A 226 -28.03 12.41 25.70
C LYS A 226 -27.69 13.87 25.40
N GLU A 227 -27.00 14.50 26.34
CA GLU A 227 -26.58 15.90 26.18
C GLU A 227 -25.06 16.00 26.07
N PRO A 228 -24.58 17.03 25.36
CA PRO A 228 -23.16 17.33 25.21
C PRO A 228 -22.60 17.65 26.58
N PRO A 229 -21.32 17.33 26.82
CA PRO A 229 -20.29 16.69 26.00
C PRO A 229 -20.53 15.19 25.86
N PHE A 230 -20.42 14.70 24.63
CA PHE A 230 -20.57 13.28 24.39
C PHE A 230 -19.27 12.56 24.73
N LEU A 231 -19.35 11.58 25.61
CA LEU A 231 -18.17 10.80 25.97
C LEU A 231 -18.19 9.61 25.04
N TRP A 232 -17.72 9.84 23.82
CA TRP A 232 -17.74 8.82 22.78
C TRP A 232 -16.34 8.34 22.38
N MET A 233 -16.13 7.03 22.49
CA MET A 233 -14.89 6.39 22.05
C MET A 233 -13.56 6.89 22.58
N GLY A 234 -13.55 7.38 23.81
CA GLY A 234 -12.33 7.87 24.43
C GLY A 234 -12.17 9.35 24.19
N TYR A 235 -13.18 9.93 23.55
CA TYR A 235 -13.16 11.35 23.25
C TYR A 235 -14.22 12.11 24.02
N GLU A 236 -14.13 13.44 23.97
CA GLU A 236 -15.07 14.33 24.62
C GLU A 236 -15.57 15.22 23.51
N LEU A 237 -16.83 15.07 23.15
CA LEU A 237 -17.39 15.86 22.06
C LEU A 237 -18.20 17.06 22.51
N HIS A 238 -17.50 18.17 22.75
CA HIS A 238 -18.14 19.42 23.14
C HIS A 238 -18.64 20.06 21.85
N PRO A 239 -19.44 21.12 21.97
CA PRO A 239 -20.00 21.68 20.73
C PRO A 239 -19.05 22.51 19.89
N ASP A 240 -17.95 22.95 20.51
CA ASP A 240 -17.01 23.83 19.84
C ASP A 240 -15.58 23.30 19.85
N LYS A 241 -15.36 22.18 20.55
CA LYS A 241 -14.04 21.60 20.63
C LYS A 241 -14.14 20.11 20.87
N TRP A 242 -13.00 19.44 20.92
CA TRP A 242 -12.96 18.02 21.23
C TRP A 242 -11.65 17.70 21.93
N THR A 243 -11.60 16.55 22.57
CA THR A 243 -10.40 16.13 23.31
C THR A 243 -10.52 14.68 23.73
N VAL A 244 -9.40 14.11 24.14
CA VAL A 244 -9.41 12.73 24.62
C VAL A 244 -9.91 12.76 26.06
N GLN A 245 -10.51 11.67 26.51
CA GLN A 245 -11.01 11.64 27.88
C GLN A 245 -9.84 11.74 28.86
N PRO A 246 -10.09 12.22 30.08
CA PRO A 246 -9.07 12.42 31.10
C PRO A 246 -8.01 11.32 31.21
N ILE A 247 -6.74 11.70 31.05
CA ILE A 247 -5.62 10.79 31.17
C ILE A 247 -5.02 10.87 32.57
N VAL A 248 -4.99 9.75 33.28
CA VAL A 248 -4.45 9.69 34.64
C VAL A 248 -3.16 8.89 34.70
N LEU A 249 -2.04 9.60 34.83
CA LEU A 249 -0.73 8.96 34.90
C LEU A 249 -0.37 8.53 36.32
N PRO A 250 -0.63 7.24 36.63
CA PRO A 250 -0.41 6.52 37.90
C PRO A 250 0.95 6.77 38.54
N GLU A 251 0.95 7.41 39.71
CA GLU A 251 2.17 7.66 40.45
C GLU A 251 2.58 6.32 41.07
N LYS A 252 3.82 5.91 40.87
CA LYS A 252 4.23 4.60 41.37
C LYS A 252 5.56 4.52 42.08
N ASP A 253 5.75 3.40 42.78
CA ASP A 253 6.97 3.11 43.53
C ASP A 253 7.81 2.18 42.66
N SER A 254 7.18 1.11 42.21
CA SER A 254 7.82 0.14 41.34
C SER A 254 6.93 0.00 40.11
N TRP A 255 7.55 0.00 38.92
CA TRP A 255 6.78 -0.13 37.70
C TRP A 255 6.96 -1.54 37.14
N THR A 256 5.85 -2.23 36.92
CA THR A 256 5.90 -3.57 36.33
C THR A 256 5.67 -3.43 34.83
N VAL A 257 6.05 -4.46 34.08
CA VAL A 257 5.90 -4.46 32.63
C VAL A 257 4.49 -4.03 32.22
N ASN A 258 3.49 -4.53 32.95
CA ASN A 258 2.09 -4.24 32.70
C ASN A 258 1.69 -2.78 33.04
N ASP A 259 2.47 -2.12 33.89
CA ASP A 259 2.15 -0.73 34.24
C ASP A 259 2.68 0.22 33.16
N ILE A 260 3.87 -0.08 32.66
CA ILE A 260 4.50 0.71 31.62
C ILE A 260 3.68 0.57 30.34
N GLN A 261 3.28 -0.66 30.05
CA GLN A 261 2.48 -0.96 28.86
C GLN A 261 1.21 -0.10 28.83
N LYS A 262 0.45 -0.12 29.92
CA LYS A 262 -0.75 0.68 30.01
C LYS A 262 -0.39 2.15 29.85
N LEU A 263 0.72 2.56 30.47
CA LEU A 263 1.23 3.93 30.41
C LEU A 263 1.44 4.37 28.96
N VAL A 264 2.28 3.63 28.24
CA VAL A 264 2.57 3.92 26.85
C VAL A 264 1.30 4.15 26.05
N GLY A 265 0.27 3.36 26.35
CA GLY A 265 -1.00 3.44 25.66
C GLY A 265 -1.79 4.68 25.99
N LYS A 266 -1.80 5.06 27.26
CA LYS A 266 -2.54 6.25 27.65
C LYS A 266 -1.87 7.43 26.98
N LEU A 267 -0.54 7.37 26.92
CA LEU A 267 0.27 8.42 26.32
C LEU A 267 0.00 8.54 24.82
N ASN A 268 0.15 7.43 24.11
CA ASN A 268 -0.10 7.40 22.68
C ASN A 268 -1.48 7.93 22.33
N TRP A 269 -2.49 7.54 23.11
CA TRP A 269 -3.84 8.03 22.88
C TRP A 269 -3.86 9.54 23.10
N ALA A 270 -3.19 9.97 24.15
CA ALA A 270 -3.11 11.39 24.50
C ALA A 270 -2.40 12.16 23.40
N SER A 271 -1.46 11.49 22.74
CA SER A 271 -0.68 12.11 21.69
C SER A 271 -1.49 12.69 20.52
N GLN A 272 -2.78 12.37 20.41
CA GLN A 272 -3.58 12.89 19.28
C GLN A 272 -3.96 14.35 19.36
N ILE A 273 -3.75 14.96 20.53
CA ILE A 273 -4.10 16.36 20.72
C ILE A 273 -3.12 17.10 21.64
N TYR A 274 -2.30 16.35 22.37
CA TYR A 274 -1.27 16.93 23.24
C TYR A 274 0.06 16.89 22.50
N PRO A 275 0.46 18.01 21.88
CA PRO A 275 1.70 18.08 21.12
C PRO A 275 2.94 17.87 21.98
N GLY A 276 3.86 17.05 21.50
CA GLY A 276 5.11 16.82 22.20
C GLY A 276 5.20 15.57 23.04
N ILE A 277 4.23 14.68 22.92
CA ILE A 277 4.28 13.45 23.69
C ILE A 277 5.37 12.53 23.17
N LYS A 278 6.32 12.18 24.03
CA LYS A 278 7.42 11.28 23.68
C LYS A 278 7.18 9.94 24.36
N VAL A 279 7.58 8.84 23.73
CA VAL A 279 7.33 7.51 24.29
C VAL A 279 8.42 6.49 23.97
N ARG A 280 9.55 6.96 23.45
CA ARG A 280 10.63 6.06 23.09
C ARG A 280 11.40 5.50 24.27
N GLN A 281 11.65 6.35 25.27
CA GLN A 281 12.39 5.93 26.45
C GLN A 281 11.58 4.92 27.25
N LEU A 282 10.30 5.21 27.43
CA LEU A 282 9.39 4.34 28.16
C LEU A 282 9.29 3.01 27.42
N CYS A 283 9.34 3.09 26.09
CA CYS A 283 9.21 1.92 25.24
C CYS A 283 10.42 0.99 25.27
N LYS A 284 11.62 1.57 25.31
CA LYS A 284 12.85 0.77 25.33
C LYS A 284 12.88 -0.25 26.46
N LEU A 285 12.28 0.09 27.59
CA LEU A 285 12.25 -0.81 28.75
C LEU A 285 11.56 -2.12 28.40
N LEU A 286 10.42 -2.01 27.75
CA LEU A 286 9.63 -3.18 27.35
C LEU A 286 10.42 -4.19 26.52
N ARG A 287 11.55 -3.75 25.99
CA ARG A 287 12.38 -4.63 25.16
C ARG A 287 12.77 -5.93 25.86
N GLY A 288 12.34 -7.05 25.29
CA GLY A 288 12.62 -8.39 25.81
C GLY A 288 11.81 -8.75 27.04
N THR A 289 11.27 -7.72 27.70
CA THR A 289 10.46 -7.82 28.92
C THR A 289 10.34 -9.16 29.63
N LYS A 290 10.57 -9.14 30.93
CA LYS A 290 10.44 -10.34 31.74
C LYS A 290 8.96 -10.72 31.76
N ALA A 291 8.38 -10.73 32.96
CA ALA A 291 6.97 -11.09 33.11
C ALA A 291 6.04 -9.87 33.12
N LEU A 292 4.75 -10.14 33.10
CA LEU A 292 3.72 -9.11 33.15
C LEU A 292 3.86 -8.34 34.45
N THR A 293 4.13 -9.07 35.53
CA THR A 293 4.24 -8.53 36.88
C THR A 293 5.70 -8.26 37.30
N GLU A 294 6.62 -8.35 36.35
CA GLU A 294 8.02 -8.10 36.62
C GLU A 294 8.33 -6.60 36.65
N VAL A 295 8.75 -6.11 37.81
CA VAL A 295 9.07 -4.70 37.98
C VAL A 295 10.34 -4.28 37.23
N ILE A 296 10.24 -3.18 36.48
CA ILE A 296 11.39 -2.65 35.76
C ILE A 296 11.81 -1.28 36.30
N PRO A 297 13.10 -1.13 36.64
CA PRO A 297 13.63 0.14 37.16
C PRO A 297 13.62 1.22 36.08
N LEU A 298 12.95 2.34 36.36
CA LEU A 298 12.84 3.41 35.38
C LEU A 298 14.19 3.97 34.99
N THR A 299 14.59 3.78 33.74
CA THR A 299 15.86 4.33 33.26
C THR A 299 15.80 5.83 33.50
N GLU A 300 16.95 6.51 33.59
CA GLU A 300 16.90 7.95 33.83
C GLU A 300 16.39 8.80 32.64
N GLU A 301 16.62 8.33 31.41
CA GLU A 301 16.06 8.97 30.22
C GLU A 301 14.54 8.75 30.29
N ALA A 302 14.17 7.54 30.73
CA ALA A 302 12.77 7.16 30.90
C ALA A 302 12.17 8.01 32.02
N GLU A 303 12.95 8.21 33.07
CA GLU A 303 12.52 9.04 34.19
C GLU A 303 12.33 10.46 33.67
N LEU A 304 13.22 10.83 32.76
CA LEU A 304 13.18 12.16 32.17
C LEU A 304 12.07 12.33 31.14
N GLU A 305 11.74 11.25 30.43
CA GLU A 305 10.66 11.30 29.46
C GLU A 305 9.31 11.37 30.17
N LEU A 306 9.09 10.46 31.10
CA LEU A 306 7.86 10.43 31.87
C LEU A 306 7.56 11.80 32.47
N ALA A 307 8.61 12.46 32.94
CA ALA A 307 8.48 13.77 33.55
C ALA A 307 8.04 14.82 32.55
N GLU A 308 8.74 14.89 31.43
CA GLU A 308 8.41 15.86 30.39
C GLU A 308 6.95 15.67 29.97
N ASN A 309 6.54 14.40 29.92
CA ASN A 309 5.18 14.05 29.54
C ASN A 309 4.20 14.58 30.58
N ARG A 310 4.52 14.38 31.86
CA ARG A 310 3.64 14.83 32.93
C ARG A 310 3.35 16.32 32.82
N GLU A 311 4.35 17.09 32.40
CA GLU A 311 4.21 18.53 32.25
C GLU A 311 3.23 18.85 31.13
N ILE A 312 3.43 18.20 29.99
CA ILE A 312 2.57 18.40 28.81
C ILE A 312 1.12 18.13 29.20
N LEU A 313 0.92 17.06 29.96
CA LEU A 313 -0.41 16.67 30.38
C LEU A 313 -0.98 17.61 31.44
N LYS A 314 -0.11 18.23 32.24
CA LYS A 314 -0.57 19.21 33.22
C LYS A 314 -1.24 20.27 32.36
N GLU A 315 -2.47 20.62 32.69
CA GLU A 315 -3.27 21.60 31.92
C GLU A 315 -4.02 20.89 30.80
N PRO A 316 -5.24 21.35 30.49
CA PRO A 316 -5.91 20.60 29.43
C PRO A 316 -5.80 21.23 28.05
N VAL A 317 -5.65 20.37 27.05
CA VAL A 317 -5.57 20.79 25.65
C VAL A 317 -6.79 20.27 24.93
N HIS A 318 -7.33 21.07 24.00
CA HIS A 318 -8.49 20.67 23.24
C HIS A 318 -8.26 20.87 21.76
N GLY A 319 -9.07 20.23 20.93
CA GLY A 319 -8.94 20.37 19.50
C GLY A 319 -10.21 20.96 18.91
N VAL A 320 -10.08 21.58 17.74
CA VAL A 320 -11.21 22.19 17.07
C VAL A 320 -11.78 21.28 15.98
N TYR A 321 -12.81 21.76 15.30
CA TYR A 321 -13.45 20.98 14.23
C TYR A 321 -13.03 21.45 12.86
N TYR A 322 -13.55 20.77 11.83
CA TYR A 322 -13.13 20.98 10.46
C TYR A 322 -13.98 21.86 9.55
N ASP A 323 -13.44 23.02 9.19
CA ASP A 323 -14.10 23.92 8.25
C ASP A 323 -13.59 23.53 6.87
N PRO A 324 -14.48 22.97 6.04
CA PRO A 324 -14.22 22.46 4.69
C PRO A 324 -13.73 23.50 3.68
N SER A 325 -13.89 24.76 4.01
CA SER A 325 -13.51 25.84 3.10
C SER A 325 -12.05 26.25 3.27
N LYS A 326 -11.56 26.27 4.51
CA LYS A 326 -10.18 26.62 4.75
C LYS A 326 -9.29 25.46 4.29
N ASP A 327 -7.99 25.73 4.21
CA ASP A 327 -7.02 24.71 3.81
C ASP A 327 -6.69 23.90 5.06
N LEU A 328 -5.66 23.07 4.94
CA LEU A 328 -5.18 22.28 6.07
C LEU A 328 -3.68 22.52 6.11
N ILE A 329 -3.15 22.88 7.26
CA ILE A 329 -1.72 23.09 7.36
C ILE A 329 -1.10 22.07 8.29
N ALA A 330 -0.12 21.32 7.77
CA ALA A 330 0.58 20.33 8.55
C ALA A 330 1.97 20.82 8.86
N GLU A 331 2.32 20.83 10.15
CA GLU A 331 3.65 21.25 10.59
C GLU A 331 4.33 20.06 11.26
N ILE A 332 5.59 19.85 10.90
CA ILE A 332 6.36 18.75 11.46
C ILE A 332 7.60 19.26 12.20
N GLN A 333 7.98 18.57 13.27
CA GLN A 333 9.16 18.92 14.05
C GLN A 333 9.91 17.68 14.49
N LYS A 334 11.23 17.80 14.53
CA LYS A 334 12.10 16.69 14.92
C LYS A 334 12.32 16.73 16.44
N GLN A 335 11.84 15.70 17.13
CA GLN A 335 12.00 15.64 18.58
C GLN A 335 13.35 15.02 18.96
N GLY A 336 13.98 14.37 17.99
CA GLY A 336 15.27 13.74 18.20
C GLY A 336 15.27 12.30 17.75
N GLN A 337 15.95 11.45 18.52
CA GLN A 337 16.12 10.02 18.27
C GLN A 337 15.08 9.35 17.37
N GLY A 338 15.05 9.75 16.09
CA GLY A 338 14.10 9.20 15.14
C GLY A 338 12.68 9.46 15.60
N GLN A 339 12.49 10.57 16.30
CA GLN A 339 11.18 10.96 16.82
C GLN A 339 10.68 12.25 16.19
N TRP A 340 9.49 12.18 15.60
CA TRP A 340 8.89 13.35 14.98
C TRP A 340 7.55 13.62 15.63
N THR A 341 7.08 14.85 15.50
CA THR A 341 5.83 15.27 16.09
C THR A 341 5.22 16.27 15.13
N TYR A 342 3.93 16.13 14.87
CA TYR A 342 3.24 17.00 13.93
C TYR A 342 1.94 17.55 14.50
N GLN A 343 1.52 18.69 13.96
CA GLN A 343 0.29 19.35 14.36
C GLN A 343 -0.46 19.71 13.10
N ILE A 344 -1.77 19.56 13.13
CA ILE A 344 -2.59 19.89 11.97
C ILE A 344 -3.62 20.92 12.36
N TYR A 345 -3.58 22.06 11.67
CA TYR A 345 -4.52 23.15 11.93
C TYR A 345 -4.96 23.78 10.62
N GLN A 346 -6.06 24.53 10.68
CA GLN A 346 -6.56 25.22 9.49
C GLN A 346 -6.24 26.69 9.70
N GLU A 347 -6.50 27.15 10.92
CA GLU A 347 -6.23 28.52 11.33
C GLU A 347 -5.06 28.49 12.33
N PRO A 348 -3.97 29.19 11.98
CA PRO A 348 -2.73 29.25 12.75
C PRO A 348 -2.80 29.06 14.25
N PHE A 349 -2.44 27.84 14.64
CA PHE A 349 -2.29 27.41 16.02
C PHE A 349 -3.53 26.94 16.80
N LYS A 350 -4.62 26.74 16.07
CA LYS A 350 -5.85 26.20 16.62
C LYS A 350 -5.96 24.82 15.97
N ASN A 351 -5.23 23.87 16.55
CA ASN A 351 -5.13 22.50 16.03
C ASN A 351 -6.41 21.70 15.92
N LEU A 352 -6.55 21.00 14.80
CA LEU A 352 -7.66 20.07 14.63
C LEU A 352 -7.18 18.79 15.30
N LYS A 353 -5.89 18.48 15.11
CA LYS A 353 -5.27 17.32 15.75
C LYS A 353 -3.74 17.35 15.71
N THR A 354 -3.11 16.55 16.56
CA THR A 354 -1.66 16.41 16.62
C THR A 354 -1.33 14.92 16.41
N GLY A 355 -0.09 14.53 16.67
CA GLY A 355 0.35 13.15 16.50
C GLY A 355 1.86 13.05 16.48
N LYS A 356 2.37 11.85 16.28
CA LYS A 356 3.82 11.63 16.25
C LYS A 356 4.24 10.49 15.31
N TYR A 357 5.47 10.58 14.80
CA TYR A 357 6.03 9.56 13.93
C TYR A 357 7.40 9.14 14.46
N ALA A 358 7.63 7.84 14.57
CA ALA A 358 8.91 7.32 15.07
C ALA A 358 9.58 6.40 14.08
N ARG A 359 8.93 5.27 13.82
CA ARG A 359 9.41 4.21 12.92
C ARG A 359 10.82 4.28 12.34
N MET A 360 11.51 3.14 12.37
CA MET A 360 12.85 3.03 11.82
C MET A 360 12.76 2.25 10.50
N ARG A 361 12.45 2.97 9.42
CA ARG A 361 12.36 2.33 8.11
C ARG A 361 13.77 2.15 7.54
N GLY A 362 14.26 0.91 7.64
CA GLY A 362 15.60 0.56 7.23
C GLY A 362 16.45 0.34 8.47
N ALA A 363 17.71 -0.04 8.29
CA ALA A 363 18.62 -0.25 9.41
C ALA A 363 19.51 0.97 9.56
N HIS A 364 19.67 1.70 8.45
CA HIS A 364 20.45 2.92 8.41
C HIS A 364 19.58 3.93 7.68
N THR A 365 19.42 5.11 8.26
CA THR A 365 18.57 6.12 7.66
C THR A 365 19.10 7.50 8.00
N ASN A 366 18.40 8.52 7.52
CA ASN A 366 18.77 9.90 7.81
C ASN A 366 17.50 10.73 8.02
N ASP A 367 17.66 11.96 8.51
CA ASP A 367 16.51 12.82 8.76
C ASP A 367 15.72 13.13 7.50
N VAL A 368 16.41 13.31 6.37
CA VAL A 368 15.74 13.62 5.12
C VAL A 368 14.78 12.50 4.71
N LYS A 369 15.24 11.25 4.87
CA LYS A 369 14.44 10.07 4.56
C LYS A 369 13.27 9.98 5.53
N GLN A 370 13.55 10.21 6.81
CA GLN A 370 12.53 10.15 7.86
C GLN A 370 11.46 11.24 7.71
N LEU A 371 11.91 12.46 7.44
CA LEU A 371 11.01 13.58 7.26
C LEU A 371 9.96 13.25 6.21
N THR A 372 10.41 12.76 5.06
CA THR A 372 9.48 12.45 3.98
C THR A 372 8.63 11.20 4.21
N GLU A 373 9.02 10.38 5.18
CA GLU A 373 8.25 9.19 5.51
C GLU A 373 7.09 9.63 6.38
N ALA A 374 7.36 10.62 7.22
CA ALA A 374 6.35 11.19 8.11
C ALA A 374 5.35 12.05 7.33
N VAL A 375 5.84 12.74 6.30
CA VAL A 375 4.99 13.55 5.45
C VAL A 375 3.98 12.64 4.75
N GLN A 376 4.44 11.46 4.32
CA GLN A 376 3.58 10.52 3.62
C GLN A 376 2.57 9.90 4.58
N LYS A 377 3.03 9.57 5.77
CA LYS A 377 2.16 8.99 6.76
C LYS A 377 1.05 10.00 7.08
N ILE A 378 1.42 11.28 7.12
CA ILE A 378 0.47 12.34 7.41
C ILE A 378 -0.48 12.61 6.25
N THR A 379 0.05 12.51 5.04
CA THR A 379 -0.71 12.72 3.82
C THR A 379 -1.88 11.73 3.80
N THR A 380 -1.55 10.45 3.99
CA THR A 380 -2.53 9.38 4.04
C THR A 380 -3.59 9.71 5.08
N GLU A 381 -3.14 9.96 6.30
CA GLU A 381 -3.98 10.35 7.41
C GLU A 381 -4.99 11.42 7.00
N SER A 382 -4.51 12.46 6.33
CA SER A 382 -5.38 13.55 5.91
C SER A 382 -6.48 13.10 4.97
N ILE A 383 -6.08 12.38 3.91
CA ILE A 383 -7.04 11.88 2.94
C ILE A 383 -8.13 11.12 3.68
N VAL A 384 -7.71 10.31 4.63
CA VAL A 384 -8.66 9.53 5.40
C VAL A 384 -9.69 10.40 6.12
N ILE A 385 -9.21 11.29 6.99
CA ILE A 385 -10.09 12.17 7.77
C ILE A 385 -10.83 13.25 7.00
N TRP A 386 -10.10 14.05 6.24
CA TRP A 386 -10.67 15.20 5.53
C TRP A 386 -10.94 15.04 4.04
N GLY A 387 -10.43 13.98 3.43
CA GLY A 387 -10.62 13.74 2.01
C GLY A 387 -9.73 14.57 1.11
N LYS A 388 -8.71 15.20 1.71
CA LYS A 388 -7.77 16.05 0.99
C LYS A 388 -6.46 16.15 1.75
N THR A 389 -5.37 16.47 1.04
CA THR A 389 -4.06 16.56 1.67
C THR A 389 -3.72 17.98 2.08
N PRO A 390 -2.98 18.13 3.19
CA PRO A 390 -2.64 19.46 3.72
C PRO A 390 -1.46 20.08 3.00
N LYS A 391 -1.18 21.33 3.37
CA LYS A 391 -0.03 22.07 2.88
C LYS A 391 0.95 21.84 4.01
N PHE A 392 2.21 21.60 3.67
CA PHE A 392 3.22 21.32 4.68
C PHE A 392 4.14 22.50 4.99
N LYS A 393 4.64 22.51 6.21
CA LYS A 393 5.60 23.49 6.67
C LYS A 393 6.64 22.62 7.35
N LEU A 394 7.79 22.46 6.69
CA LEU A 394 8.83 21.56 7.16
C LEU A 394 10.14 22.23 7.59
N PRO A 395 10.80 21.68 8.62
CA PRO A 395 12.06 22.20 9.16
C PRO A 395 13.23 21.80 8.28
N ILE A 396 12.99 21.78 6.97
CA ILE A 396 14.01 21.40 6.01
C ILE A 396 14.13 22.53 5.00
N GLN A 397 15.35 22.93 4.69
CA GLN A 397 15.59 24.01 3.75
C GLN A 397 15.25 23.50 2.36
N LYS A 398 14.55 24.31 1.57
CA LYS A 398 14.18 23.92 0.21
C LYS A 398 15.41 23.53 -0.61
N GLU A 399 16.56 24.06 -0.22
CA GLU A 399 17.81 23.77 -0.91
C GLU A 399 18.33 22.39 -0.58
N THR A 400 18.19 21.99 0.69
CA THR A 400 18.62 20.68 1.13
C THR A 400 17.78 19.63 0.42
N TRP A 401 16.46 19.79 0.48
CA TRP A 401 15.54 18.88 -0.17
C TRP A 401 15.93 18.64 -1.63
N GLU A 402 16.07 19.72 -2.39
CA GLU A 402 16.44 19.64 -3.79
C GLU A 402 17.69 18.81 -3.99
N THR A 403 18.75 19.18 -3.30
CA THR A 403 20.03 18.48 -3.42
C THR A 403 19.80 16.99 -3.25
N TRP A 404 19.25 16.59 -2.11
CA TRP A 404 19.01 15.19 -1.84
C TRP A 404 18.11 14.44 -2.85
N TRP A 405 16.89 14.93 -3.06
CA TRP A 405 15.96 14.27 -4.00
C TRP A 405 16.63 14.05 -5.35
N THR A 406 17.28 15.10 -5.82
CA THR A 406 17.92 15.10 -7.11
C THR A 406 18.91 13.96 -7.31
N GLU A 407 19.76 13.75 -6.33
CA GLU A 407 20.81 12.73 -6.41
C GLU A 407 20.43 11.33 -5.93
N TYR A 408 19.36 11.21 -5.15
CA TYR A 408 18.96 9.89 -4.64
C TYR A 408 18.51 8.93 -5.73
N TRP A 409 18.82 7.66 -5.55
CA TRP A 409 18.50 6.62 -6.54
C TRP A 409 17.01 6.34 -6.63
N GLN A 410 16.29 6.71 -5.59
CA GLN A 410 14.87 6.41 -5.50
C GLN A 410 13.96 7.61 -5.69
N ALA A 411 12.83 7.37 -6.36
CA ALA A 411 11.85 8.43 -6.60
C ALA A 411 11.27 8.86 -5.26
N THR A 412 11.24 10.16 -5.04
CA THR A 412 10.74 10.73 -3.81
C THR A 412 9.92 11.94 -4.21
N TRP A 413 8.86 12.24 -3.47
CA TRP A 413 8.04 13.38 -3.83
C TRP A 413 7.17 13.92 -2.71
N ILE A 414 7.53 15.12 -2.24
CA ILE A 414 6.77 15.78 -1.20
C ILE A 414 5.70 16.67 -1.82
N PRO A 415 4.44 16.54 -1.37
CA PRO A 415 3.42 17.43 -1.91
C PRO A 415 3.76 18.88 -1.53
N GLU A 416 2.87 19.83 -1.84
CA GLU A 416 3.13 21.24 -1.55
C GLU A 416 3.70 21.51 -0.16
N TRP A 417 4.89 22.14 -0.13
CA TRP A 417 5.53 22.47 1.14
C TRP A 417 6.24 23.81 1.18
N GLU A 418 6.60 24.23 2.39
CA GLU A 418 7.27 25.50 2.63
C GLU A 418 8.17 25.31 3.84
N PHE A 419 9.40 25.81 3.75
CA PHE A 419 10.34 25.71 4.85
C PHE A 419 9.90 26.61 5.99
N VAL A 420 10.13 26.18 7.22
CA VAL A 420 9.79 26.96 8.40
C VAL A 420 10.97 26.81 9.34
N ASN A 421 11.58 27.93 9.73
CA ASN A 421 12.75 27.87 10.59
C ASN A 421 12.44 27.46 12.03
N THR A 422 12.28 26.16 12.26
CA THR A 422 12.00 25.64 13.59
C THR A 422 12.98 24.52 13.96
N PRO A 423 14.15 24.89 14.50
CA PRO A 423 15.19 23.95 14.88
C PRO A 423 14.66 22.85 15.78
N PRO A 424 15.27 21.65 15.73
CA PRO A 424 16.42 21.44 14.84
C PRO A 424 16.03 21.43 13.38
N LEU A 425 16.89 22.02 12.55
CA LEU A 425 16.65 22.06 11.10
C LEU A 425 17.24 20.80 10.47
N VAL A 426 16.53 20.26 9.46
CA VAL A 426 16.97 19.05 8.80
C VAL A 426 18.03 19.30 7.73
N LYS A 427 19.15 18.59 7.86
CA LYS A 427 20.27 18.77 6.93
C LYS A 427 20.99 17.47 6.66
N LEU A 428 21.98 17.55 5.76
CA LEU A 428 22.83 16.41 5.41
C LEU A 428 24.18 16.61 6.09
N TRP A 429 24.60 15.62 6.88
CA TRP A 429 25.85 15.72 7.63
C TRP A 429 27.12 15.47 6.84
N TYR A 430 26.98 15.15 5.56
CA TYR A 430 28.13 14.92 4.71
C TYR A 430 27.73 14.58 3.28
N GLN A 431 28.65 14.82 2.36
CA GLN A 431 28.45 14.52 0.95
C GLN A 431 29.70 13.81 0.43
N LEU A 432 29.51 12.83 -0.43
CA LEU A 432 30.63 12.11 -1.02
C LEU A 432 30.96 12.81 -2.34
N GLU A 433 32.24 13.06 -2.58
CA GLU A 433 32.66 13.72 -3.81
C GLU A 433 32.30 12.87 -5.02
N LYS A 434 32.07 13.53 -6.16
CA LYS A 434 31.75 12.83 -7.38
C LYS A 434 33.03 12.39 -8.06
N GLU A 435 34.11 13.13 -7.82
CA GLU A 435 35.40 12.84 -8.42
C GLU A 435 36.52 12.64 -7.40
N PRO A 436 37.57 11.88 -7.78
CA PRO A 436 38.75 11.53 -7.00
C PRO A 436 39.53 12.77 -6.58
N ILE A 437 39.96 12.79 -5.33
CA ILE A 437 40.70 13.94 -4.78
C ILE A 437 42.18 13.92 -5.14
N VAL A 438 42.60 14.91 -5.93
CA VAL A 438 44.00 15.01 -6.34
C VAL A 438 44.88 15.28 -5.13
N GLY A 439 46.01 14.57 -5.04
CA GLY A 439 46.90 14.76 -3.91
C GLY A 439 46.21 14.41 -2.60
N ALA A 440 45.58 13.24 -2.61
CA ALA A 440 44.86 12.69 -1.46
C ALA A 440 45.17 11.20 -1.47
N GLU A 441 45.49 10.66 -0.30
CA GLU A 441 45.86 9.26 -0.21
C GLU A 441 44.78 8.28 -0.62
N THR A 442 45.09 7.47 -1.64
CA THR A 442 44.17 6.45 -2.12
C THR A 442 44.29 5.20 -1.23
N PHE A 443 43.24 4.93 -0.47
CA PHE A 443 43.20 3.77 0.41
C PHE A 443 42.46 2.62 -0.28
N TYR A 444 43.18 1.54 -0.55
CA TYR A 444 42.57 0.35 -1.13
C TYR A 444 42.23 -0.57 0.02
N VAL A 445 40.98 -0.50 0.49
CA VAL A 445 40.53 -1.30 1.62
C VAL A 445 40.06 -2.69 1.22
N ASP A 446 39.86 -3.53 2.23
CA ASP A 446 39.36 -4.88 2.04
C ASP A 446 39.10 -5.54 3.38
N GLY A 447 38.32 -6.62 3.37
CA GLY A 447 38.00 -7.37 4.57
C GLY A 447 37.57 -8.78 4.24
N ALA A 448 38.00 -9.72 5.06
CA ALA A 448 37.65 -11.13 4.86
C ALA A 448 37.19 -11.76 6.18
N ALA A 449 36.51 -12.89 6.09
CA ALA A 449 36.03 -13.59 7.27
C ALA A 449 35.78 -15.07 6.98
N ASN A 450 36.24 -15.93 7.89
CA ASN A 450 36.09 -17.37 7.74
C ASN A 450 34.74 -17.85 8.29
N ARG A 451 33.87 -18.32 7.40
CA ARG A 451 32.54 -18.79 7.78
C ARG A 451 32.57 -19.85 8.88
N GLU A 452 33.66 -20.60 8.94
CA GLU A 452 33.81 -21.68 9.92
C GLU A 452 34.25 -21.21 11.30
N THR A 453 35.38 -20.49 11.34
CA THR A 453 35.92 -20.00 12.59
C THR A 453 35.33 -18.66 13.01
N LYS A 454 34.63 -18.01 12.08
CA LYS A 454 34.03 -16.71 12.35
C LYS A 454 35.11 -15.66 12.56
N LEU A 455 36.35 -16.02 12.28
CA LEU A 455 37.46 -15.10 12.43
C LEU A 455 37.57 -14.20 11.20
N GLY A 456 37.83 -12.92 11.43
CA GLY A 456 37.95 -11.97 10.36
C GLY A 456 39.28 -11.27 10.30
N LYS A 457 39.47 -10.50 9.24
CA LYS A 457 40.67 -9.71 9.04
C LYS A 457 40.27 -8.53 8.17
N ALA A 458 40.60 -7.32 8.63
CA ALA A 458 40.27 -6.12 7.88
C ALA A 458 41.52 -5.27 7.78
N GLY A 459 41.77 -4.72 6.60
CA GLY A 459 42.94 -3.89 6.40
C GLY A 459 42.90 -3.06 5.15
N TYR A 460 44.01 -2.39 4.86
CA TYR A 460 44.11 -1.54 3.69
C TYR A 460 45.55 -1.39 3.23
N VAL A 461 45.70 -1.02 1.96
CA VAL A 461 47.00 -0.72 1.37
C VAL A 461 46.82 0.58 0.60
N THR A 462 47.61 1.59 0.96
CA THR A 462 47.52 2.88 0.30
C THR A 462 48.55 2.98 -0.83
N ASN A 463 48.38 3.97 -1.69
CA ASN A 463 49.28 4.14 -2.83
C ASN A 463 50.49 4.94 -2.36
N ARG A 464 50.42 5.38 -1.12
CA ARG A 464 51.42 6.22 -0.51
C ARG A 464 52.42 5.39 0.30
N GLY A 465 52.33 4.07 0.15
CA GLY A 465 53.22 3.17 0.87
C GLY A 465 52.66 2.53 2.13
N ARG A 466 51.74 3.24 2.79
CA ARG A 466 51.13 2.74 4.02
C ARG A 466 50.34 1.44 3.84
N GLN A 467 50.16 0.73 4.95
CA GLN A 467 49.46 -0.56 4.94
C GLN A 467 49.12 -1.02 6.36
N LYS A 468 47.99 -1.71 6.51
CA LYS A 468 47.57 -2.19 7.82
C LYS A 468 46.67 -3.40 7.70
N VAL A 469 46.52 -4.12 8.81
CA VAL A 469 45.65 -5.29 8.89
C VAL A 469 45.25 -5.51 10.34
N VAL A 470 43.96 -5.74 10.56
CA VAL A 470 43.44 -5.96 11.89
C VAL A 470 42.64 -7.25 11.97
N THR A 471 42.80 -7.98 13.07
CA THR A 471 42.08 -9.24 13.24
C THR A 471 40.78 -9.03 14.01
N LEU A 472 39.74 -9.71 13.56
CA LEU A 472 38.43 -9.60 14.20
C LEU A 472 37.96 -11.01 14.57
N THR A 473 37.37 -11.15 15.75
CA THR A 473 37.04 -12.45 16.31
C THR A 473 35.73 -13.14 15.96
N ASP A 474 34.63 -12.42 15.98
CA ASP A 474 33.36 -13.04 15.64
C ASP A 474 32.62 -12.20 14.63
N THR A 475 33.21 -12.05 13.45
CA THR A 475 32.65 -11.23 12.41
C THR A 475 32.05 -12.03 11.27
N THR A 476 31.71 -11.26 10.22
CA THR A 476 31.14 -11.76 9.00
C THR A 476 31.83 -10.93 7.93
N ASN A 477 31.66 -11.29 6.67
CA ASN A 477 32.28 -10.51 5.61
C ASN A 477 31.80 -9.06 5.65
N GLN A 478 30.49 -8.88 5.78
CA GLN A 478 29.92 -7.53 5.84
C GLN A 478 30.60 -6.70 6.92
N LYS A 479 30.74 -7.30 8.10
CA LYS A 479 31.37 -6.62 9.24
C LYS A 479 32.84 -6.28 8.98
N THR A 480 33.59 -7.21 8.40
CA THR A 480 35.00 -6.96 8.09
C THR A 480 35.18 -5.86 7.04
N GLU A 481 34.28 -5.84 6.04
CA GLU A 481 34.35 -4.87 4.95
C GLU A 481 34.04 -3.45 5.37
N LEU A 482 33.23 -3.31 6.41
CA LEU A 482 32.87 -2.02 6.98
C LEU A 482 33.99 -1.61 7.92
N GLN A 483 34.55 -2.60 8.60
CA GLN A 483 35.67 -2.37 9.50
C GLN A 483 36.84 -1.80 8.69
N ALA A 484 37.05 -2.37 7.50
CA ALA A 484 38.13 -1.95 6.62
C ALA A 484 38.02 -0.48 6.27
N ILE A 485 36.82 -0.03 5.96
CA ILE A 485 36.55 1.36 5.61
C ILE A 485 36.75 2.26 6.83
N TYR A 486 36.46 1.71 8.01
CA TYR A 486 36.64 2.46 9.24
C TYR A 486 38.11 2.74 9.45
N LEU A 487 38.95 1.73 9.24
CA LEU A 487 40.39 1.90 9.40
C LEU A 487 40.83 3.04 8.50
N ALA A 488 40.58 2.89 7.21
CA ALA A 488 40.94 3.89 6.21
C ALA A 488 40.53 5.30 6.65
N LEU A 489 39.35 5.41 7.24
CA LEU A 489 38.86 6.71 7.69
C LEU A 489 39.58 7.18 8.94
N GLN A 490 40.12 6.24 9.70
CA GLN A 490 40.83 6.56 10.93
C GLN A 490 42.25 7.04 10.62
N ASP A 491 42.99 6.24 9.86
CA ASP A 491 44.38 6.55 9.50
C ASP A 491 44.46 7.32 8.19
N SER A 492 43.75 8.43 8.05
CA SER A 492 43.81 9.11 6.76
C SER A 492 43.78 10.63 6.65
N GLY A 493 43.29 11.33 7.67
CA GLY A 493 43.28 12.79 7.61
C GLY A 493 42.27 13.41 6.67
N LEU A 494 41.91 14.65 6.96
CA LEU A 494 40.90 15.43 6.24
C LEU A 494 40.49 15.09 4.81
N GLU A 495 41.32 14.37 4.06
CA GLU A 495 40.96 14.03 2.68
C GLU A 495 41.46 12.66 2.24
N VAL A 496 40.58 11.89 1.60
CA VAL A 496 40.92 10.54 1.15
C VAL A 496 40.15 10.08 -0.06
N ASN A 497 40.66 9.03 -0.66
CA ASN A 497 40.00 8.37 -1.78
C ASN A 497 39.98 6.93 -1.28
N ILE A 498 38.85 6.27 -1.42
CA ILE A 498 38.72 4.92 -0.90
C ILE A 498 38.10 3.99 -1.90
N VAL A 499 38.82 2.94 -2.27
CA VAL A 499 38.28 1.94 -3.19
C VAL A 499 38.05 0.62 -2.48
N THR A 500 36.81 0.14 -2.56
CA THR A 500 36.39 -1.09 -1.92
C THR A 500 35.78 -1.99 -2.98
N ASP A 501 35.52 -3.24 -2.63
CA ASP A 501 34.83 -4.17 -3.53
C ASP A 501 33.55 -4.63 -2.84
N SER A 502 33.06 -3.77 -1.95
CA SER A 502 31.85 -4.05 -1.19
C SER A 502 30.69 -3.15 -1.65
N GLN A 503 29.80 -3.70 -2.47
CA GLN A 503 28.63 -2.96 -2.91
C GLN A 503 27.80 -2.68 -1.65
N TYR A 504 27.87 -3.64 -0.74
CA TYR A 504 27.13 -3.56 0.52
C TYR A 504 27.54 -2.32 1.29
N ALA A 505 28.83 -2.17 1.51
CA ALA A 505 29.36 -1.00 2.23
C ALA A 505 29.07 0.26 1.42
N LEU A 506 29.32 0.17 0.12
CA LEU A 506 29.09 1.26 -0.82
C LEU A 506 27.67 1.76 -0.66
N GLY A 507 26.72 0.88 -0.96
CA GLY A 507 25.30 1.18 -0.85
C GLY A 507 24.93 1.82 0.47
N ILE A 508 25.47 1.28 1.56
CA ILE A 508 25.17 1.81 2.88
C ILE A 508 25.59 3.27 2.99
N ILE A 509 26.85 3.54 2.63
CA ILE A 509 27.40 4.89 2.74
C ILE A 509 26.88 5.86 1.70
N GLN A 510 26.82 5.41 0.45
CA GLN A 510 26.36 6.27 -0.63
C GLN A 510 25.02 6.93 -0.31
N ALA A 511 24.28 6.33 0.62
CA ALA A 511 22.96 6.85 1.01
C ALA A 511 22.99 7.95 2.08
N GLN A 512 24.19 8.42 2.43
CA GLN A 512 24.30 9.46 3.43
C GLN A 512 23.55 9.14 4.72
N PRO A 513 23.76 7.94 5.27
CA PRO A 513 23.07 7.63 6.53
C PRO A 513 23.58 8.52 7.65
N ASP A 514 22.71 8.90 8.57
CA ASP A 514 23.14 9.72 9.69
C ASP A 514 22.91 9.04 11.03
N GLN A 515 22.37 7.83 10.96
CA GLN A 515 22.13 7.00 12.14
C GLN A 515 21.92 5.57 11.69
N SER A 516 22.37 4.62 12.51
CA SER A 516 22.25 3.20 12.19
C SER A 516 22.14 2.36 13.44
N GLU A 517 21.63 1.15 13.28
CA GLU A 517 21.50 0.22 14.39
C GLU A 517 22.88 -0.36 14.68
N SER A 518 23.79 -0.22 13.72
CA SER A 518 25.16 -0.71 13.84
C SER A 518 26.11 0.33 14.40
N GLU A 519 26.80 -0.01 15.48
CA GLU A 519 27.75 0.91 16.10
C GLU A 519 28.88 1.25 15.15
N LEU A 520 29.31 0.26 14.37
CA LEU A 520 30.36 0.45 13.39
C LEU A 520 29.95 1.56 12.44
N VAL A 521 28.82 1.36 11.77
CA VAL A 521 28.25 2.32 10.85
C VAL A 521 28.18 3.69 11.50
N ASN A 522 27.89 3.72 12.80
CA ASN A 522 27.83 4.99 13.53
C ASN A 522 29.20 5.66 13.63
N GLN A 523 30.24 4.87 13.90
CA GLN A 523 31.59 5.43 13.98
C GLN A 523 32.00 5.96 12.61
N ILE A 524 31.70 5.19 11.56
CA ILE A 524 32.01 5.60 10.20
C ILE A 524 31.36 6.95 9.92
N ILE A 525 30.07 7.06 10.21
CA ILE A 525 29.34 8.32 10.00
C ILE A 525 30.09 9.45 10.70
N GLU A 526 30.44 9.20 11.96
CA GLU A 526 31.17 10.16 12.78
C GLU A 526 32.48 10.56 12.11
N GLN A 527 33.11 9.61 11.43
CA GLN A 527 34.36 9.86 10.72
C GLN A 527 34.10 10.65 9.44
N LEU A 528 33.05 10.28 8.74
CA LEU A 528 32.69 10.93 7.48
C LEU A 528 32.35 12.41 7.70
N ILE A 529 31.78 12.72 8.85
CA ILE A 529 31.40 14.09 9.17
C ILE A 529 32.63 14.92 9.52
N LYS A 530 33.67 14.24 10.01
CA LYS A 530 34.92 14.91 10.38
C LYS A 530 35.71 15.33 9.16
N LYS A 531 35.75 14.44 8.16
CA LYS A 531 36.48 14.68 6.92
C LYS A 531 36.15 16.03 6.30
N GLU A 532 36.98 16.44 5.35
CA GLU A 532 36.77 17.69 4.65
C GLU A 532 36.34 17.33 3.23
N LYS A 533 36.66 16.11 2.84
CA LYS A 533 36.30 15.59 1.53
C LYS A 533 36.68 14.12 1.39
N VAL A 534 35.68 13.29 1.08
CA VAL A 534 35.91 11.85 0.92
C VAL A 534 35.38 11.35 -0.43
N TYR A 535 36.20 10.56 -1.10
CA TYR A 535 35.81 9.94 -2.36
C TYR A 535 35.81 8.43 -2.09
N LEU A 536 34.75 7.77 -2.54
CA LEU A 536 34.60 6.34 -2.28
C LEU A 536 34.19 5.64 -3.56
N ALA A 537 35.02 4.71 -4.01
CA ALA A 537 34.78 3.99 -5.24
C ALA A 537 34.72 2.49 -5.03
N TRP A 538 34.17 1.79 -6.02
CA TRP A 538 34.04 0.34 -5.94
C TRP A 538 34.67 -0.34 -7.16
N VAL A 539 35.22 -1.52 -6.93
CA VAL A 539 35.82 -2.32 -7.99
C VAL A 539 35.38 -3.75 -7.75
N PRO A 540 35.35 -4.57 -8.81
CA PRO A 540 35.00 -5.97 -8.58
C PRO A 540 36.12 -6.66 -7.82
N ALA A 541 35.77 -7.71 -7.09
CA ALA A 541 36.79 -8.45 -6.35
C ALA A 541 37.36 -9.56 -7.22
N HIS A 542 38.54 -10.04 -6.84
CA HIS A 542 39.20 -11.10 -7.57
C HIS A 542 39.42 -10.78 -9.04
N LYS A 543 39.46 -9.48 -9.30
CA LYS A 543 39.81 -8.96 -10.62
C LYS A 543 41.14 -8.31 -10.30
N GLY A 544 42.18 -8.69 -11.02
CA GLY A 544 43.53 -8.20 -10.78
C GLY A 544 43.71 -6.70 -10.63
N ILE A 545 42.68 -6.01 -10.17
CA ILE A 545 42.74 -4.56 -9.99
C ILE A 545 43.81 -4.17 -8.98
N GLY A 546 44.71 -3.28 -9.42
CA GLY A 546 45.83 -2.75 -8.68
C GLY A 546 45.85 -3.01 -7.18
N GLY A 547 45.82 -1.94 -6.38
CA GLY A 547 45.83 -2.04 -4.94
C GLY A 547 44.85 -3.07 -4.42
N ASN A 548 43.80 -3.33 -5.18
CA ASN A 548 42.79 -4.30 -4.78
C ASN A 548 43.40 -5.67 -4.51
N GLU A 549 43.89 -6.31 -5.58
CA GLU A 549 44.50 -7.62 -5.45
C GLU A 549 45.55 -7.68 -4.35
N GLN A 550 45.98 -6.50 -3.89
CA GLN A 550 47.01 -6.40 -2.86
C GLN A 550 46.50 -6.54 -1.42
N VAL A 551 45.36 -5.93 -1.12
CA VAL A 551 44.80 -6.04 0.22
C VAL A 551 44.14 -7.41 0.39
N ASP A 552 43.73 -8.00 -0.73
CA ASP A 552 43.08 -9.31 -0.71
C ASP A 552 44.00 -10.36 -0.09
N LYS A 553 45.25 -10.42 -0.58
CA LYS A 553 46.24 -11.37 -0.07
C LYS A 553 46.53 -11.06 1.39
N LEU A 554 46.63 -9.76 1.68
CA LEU A 554 46.89 -9.27 3.02
C LEU A 554 45.85 -9.77 4.02
N VAL A 555 44.57 -9.58 3.71
CA VAL A 555 43.48 -10.00 4.58
C VAL A 555 42.99 -11.42 4.35
N SER A 556 43.47 -12.06 3.29
CA SER A 556 43.07 -13.45 3.00
C SER A 556 43.94 -14.42 3.80
N ALA A 557 45.13 -13.97 4.18
CA ALA A 557 46.06 -14.80 4.95
C ALA A 557 45.42 -15.26 6.25
N GLY A 558 45.43 -16.58 6.47
CA GLY A 558 44.84 -17.17 7.65
C GLY A 558 43.35 -17.35 7.45
N ILE A 559 42.69 -16.27 7.08
CA ILE A 559 41.26 -16.28 6.84
C ILE A 559 40.82 -17.27 5.76
N ARG A 560 41.29 -17.06 4.54
CA ARG A 560 40.93 -17.94 3.42
C ARG A 560 41.91 -17.82 2.26
N GLU B 9 -27.56 -14.32 -24.15
CA GLU B 9 -27.20 -15.52 -23.38
C GLU B 9 -25.72 -15.56 -22.96
N THR B 10 -25.50 -15.39 -21.66
CA THR B 10 -24.18 -15.33 -21.06
C THR B 10 -23.30 -16.58 -21.18
N VAL B 11 -21.99 -16.35 -21.17
CA VAL B 11 -21.02 -17.43 -21.16
C VAL B 11 -20.65 -17.57 -19.68
N PRO B 12 -20.46 -18.81 -19.21
CA PRO B 12 -20.20 -18.96 -17.77
C PRO B 12 -18.73 -18.87 -17.35
N VAL B 13 -18.48 -18.17 -16.25
CA VAL B 13 -17.14 -18.01 -15.71
C VAL B 13 -16.89 -18.86 -14.46
N LYS B 14 -15.79 -19.62 -14.47
CA LYS B 14 -15.45 -20.46 -13.34
C LYS B 14 -14.05 -20.10 -12.79
N LEU B 15 -13.98 -19.80 -11.50
CA LEU B 15 -12.71 -19.44 -10.86
C LEU B 15 -11.75 -20.63 -10.89
N LYS B 16 -10.45 -20.33 -10.86
CA LYS B 16 -9.43 -21.37 -10.88
C LYS B 16 -9.44 -22.20 -9.60
N PRO B 17 -10.08 -23.38 -9.64
CA PRO B 17 -10.32 -24.43 -8.64
C PRO B 17 -9.53 -24.27 -7.33
N GLY B 18 -10.18 -24.58 -6.22
CA GLY B 18 -9.58 -24.50 -4.91
C GLY B 18 -9.17 -23.09 -4.50
N MET B 19 -9.68 -22.10 -5.22
CA MET B 19 -9.38 -20.71 -4.93
C MET B 19 -10.63 -19.89 -5.16
N ASP B 20 -10.80 -18.83 -4.38
CA ASP B 20 -12.01 -18.04 -4.49
C ASP B 20 -11.88 -16.53 -4.70
N GLY B 21 -13.01 -15.85 -4.76
CA GLY B 21 -13.06 -14.42 -5.01
C GLY B 21 -12.03 -13.55 -4.32
N PRO B 22 -11.76 -12.37 -4.90
CA PRO B 22 -10.83 -11.37 -4.39
C PRO B 22 -11.44 -10.62 -3.22
N LYS B 23 -10.66 -10.43 -2.16
CA LYS B 23 -11.10 -9.69 -1.00
C LYS B 23 -10.05 -8.59 -0.77
N VAL B 24 -9.83 -7.80 -1.82
CA VAL B 24 -8.84 -6.75 -1.80
C VAL B 24 -9.34 -5.47 -1.11
N LYS B 25 -8.47 -4.87 -0.32
CA LYS B 25 -8.78 -3.64 0.41
C LYS B 25 -8.94 -2.44 -0.52
N GLN B 26 -9.66 -1.42 -0.04
CA GLN B 26 -9.90 -0.21 -0.82
C GLN B 26 -9.14 0.98 -0.26
N TRP B 27 -8.25 1.54 -1.08
CA TRP B 27 -7.42 2.69 -0.72
C TRP B 27 -8.22 3.94 -0.38
N PRO B 28 -7.74 4.73 0.58
CA PRO B 28 -8.47 5.97 0.87
C PRO B 28 -8.50 6.86 -0.37
N LEU B 29 -9.68 7.37 -0.71
CA LEU B 29 -9.86 8.24 -1.87
C LEU B 29 -10.07 9.67 -1.41
N THR B 30 -9.79 10.65 -2.27
CA THR B 30 -9.99 12.05 -1.91
C THR B 30 -11.43 12.42 -2.23
N GLU B 31 -11.98 13.38 -1.47
CA GLU B 31 -13.36 13.80 -1.66
C GLU B 31 -13.72 14.02 -3.12
N GLU B 32 -12.81 14.66 -3.83
CA GLU B 32 -13.00 14.96 -5.24
C GLU B 32 -13.22 13.72 -6.11
N LYS B 33 -12.47 12.65 -5.82
CA LYS B 33 -12.59 11.43 -6.60
C LYS B 33 -13.80 10.60 -6.16
N ILE B 34 -14.13 10.67 -4.88
CA ILE B 34 -15.30 9.98 -4.36
C ILE B 34 -16.61 10.50 -4.95
N LYS B 35 -16.73 11.82 -5.09
CA LYS B 35 -17.94 12.41 -5.67
C LYS B 35 -17.98 12.07 -7.15
N ALA B 36 -16.84 12.18 -7.81
CA ALA B 36 -16.76 11.87 -9.22
C ALA B 36 -17.25 10.44 -9.45
N LEU B 37 -16.91 9.56 -8.53
CA LEU B 37 -17.28 8.14 -8.64
C LEU B 37 -18.75 7.87 -8.33
N VAL B 38 -19.29 8.59 -7.37
CA VAL B 38 -20.69 8.45 -7.01
C VAL B 38 -21.59 8.79 -8.20
N GLU B 39 -21.30 9.92 -8.85
CA GLU B 39 -22.04 10.37 -10.02
C GLU B 39 -22.03 9.31 -11.10
N ILE B 40 -20.85 8.73 -11.31
CA ILE B 40 -20.67 7.72 -12.34
C ILE B 40 -21.51 6.47 -12.08
N CYS B 41 -21.35 5.88 -10.89
CA CYS B 41 -22.08 4.68 -10.54
C CYS B 41 -23.59 4.92 -10.43
N THR B 42 -23.97 6.15 -10.12
CA THR B 42 -25.38 6.51 -10.06
C THR B 42 -25.96 6.32 -11.45
N GLU B 43 -25.23 6.80 -12.45
CA GLU B 43 -25.65 6.68 -13.84
C GLU B 43 -25.56 5.24 -14.34
N MET B 44 -24.52 4.54 -13.93
CA MET B 44 -24.32 3.16 -14.35
C MET B 44 -25.44 2.30 -13.77
N GLU B 45 -25.82 2.60 -12.54
CA GLU B 45 -26.90 1.91 -11.88
C GLU B 45 -28.16 2.07 -12.72
N LYS B 46 -28.48 3.33 -13.05
CA LYS B 46 -29.64 3.64 -13.87
C LYS B 46 -29.56 2.82 -15.15
N GLU B 47 -28.47 2.96 -15.89
CA GLU B 47 -28.31 2.21 -17.12
C GLU B 47 -28.35 0.71 -16.86
N GLY B 48 -28.36 0.33 -15.58
CA GLY B 48 -28.40 -1.07 -15.19
C GLY B 48 -27.11 -1.86 -15.36
N LYS B 49 -25.98 -1.16 -15.51
CA LYS B 49 -24.70 -1.84 -15.69
C LYS B 49 -24.20 -2.50 -14.39
N ILE B 50 -24.55 -1.90 -13.26
CA ILE B 50 -24.14 -2.39 -11.95
C ILE B 50 -25.35 -2.40 -11.02
N SER B 51 -25.23 -3.08 -9.88
CA SER B 51 -26.32 -3.14 -8.91
C SER B 51 -25.77 -3.03 -7.48
N LYS B 52 -26.50 -2.33 -6.62
CA LYS B 52 -26.08 -2.20 -5.22
C LYS B 52 -26.11 -3.60 -4.59
N ILE B 53 -25.39 -3.79 -3.49
CA ILE B 53 -25.32 -5.13 -2.91
C ILE B 53 -25.40 -5.24 -1.39
N GLY B 54 -25.71 -6.44 -0.92
CA GLY B 54 -25.85 -6.78 0.48
C GLY B 54 -24.59 -7.33 1.09
N PRO B 55 -24.45 -7.21 2.42
CA PRO B 55 -23.31 -7.64 3.23
C PRO B 55 -22.91 -9.07 2.95
N GLU B 56 -23.86 -9.86 2.46
CA GLU B 56 -23.63 -11.27 2.14
C GLU B 56 -22.68 -11.46 0.96
N ASN B 57 -22.06 -10.36 0.52
CA ASN B 57 -21.06 -10.39 -0.55
C ASN B 57 -19.74 -9.91 0.04
N PRO B 58 -18.87 -10.86 0.43
CA PRO B 58 -17.55 -10.71 1.07
C PRO B 58 -16.42 -10.25 0.16
N TYR B 59 -16.69 -10.08 -1.12
CA TYR B 59 -15.65 -9.69 -2.07
C TYR B 59 -15.42 -8.21 -2.25
N ASN B 60 -14.26 -7.89 -2.83
CA ASN B 60 -13.91 -6.51 -3.06
C ASN B 60 -12.72 -6.33 -4.01
N THR B 61 -12.85 -5.35 -4.90
CA THR B 61 -11.82 -4.98 -5.86
C THR B 61 -11.67 -3.47 -5.69
N PRO B 62 -10.43 -2.96 -5.66
CA PRO B 62 -10.38 -1.51 -5.47
C PRO B 62 -10.87 -0.77 -6.70
N VAL B 63 -11.33 0.46 -6.50
CA VAL B 63 -11.83 1.28 -7.57
C VAL B 63 -11.20 2.67 -7.40
N PHE B 64 -10.80 3.28 -8.52
CA PHE B 64 -10.17 4.59 -8.49
C PHE B 64 -10.84 5.51 -9.51
N ALA B 65 -10.45 6.78 -9.47
CA ALA B 65 -10.91 7.77 -10.43
C ALA B 65 -9.68 8.38 -11.10
N ILE B 66 -9.60 8.25 -12.41
CA ILE B 66 -8.50 8.79 -13.20
C ILE B 66 -9.07 9.87 -14.12
N LYS B 67 -8.21 10.55 -14.86
CA LYS B 67 -8.67 11.60 -15.76
C LYS B 67 -8.37 11.34 -17.23
N LYS B 68 -7.52 10.35 -17.50
CA LYS B 68 -7.13 10.00 -18.87
C LYS B 68 -6.04 10.90 -19.43
N LYS B 69 -5.78 10.78 -20.73
CA LYS B 69 -4.76 11.59 -21.39
C LYS B 69 -5.34 12.86 -22.00
N ASP B 70 -5.04 14.00 -21.37
CA ASP B 70 -5.54 15.28 -21.83
C ASP B 70 -7.07 15.30 -21.82
N SER B 71 -7.65 14.96 -20.69
CA SER B 71 -9.11 14.91 -20.54
C SER B 71 -9.60 15.69 -19.33
N THR B 72 -10.77 16.31 -19.48
CA THR B 72 -11.38 17.08 -18.41
C THR B 72 -12.38 16.20 -17.65
N LYS B 73 -12.71 15.05 -18.23
CA LYS B 73 -13.68 14.15 -17.64
C LYS B 73 -13.08 13.05 -16.77
N TRP B 74 -13.64 12.90 -15.57
CA TRP B 74 -13.22 11.86 -14.64
C TRP B 74 -13.64 10.55 -15.26
N ARG B 75 -12.86 9.51 -15.01
CA ARG B 75 -13.18 8.20 -15.56
C ARG B 75 -12.99 7.19 -14.43
N LYS B 76 -13.78 6.13 -14.44
CA LYS B 76 -13.68 5.14 -13.38
C LYS B 76 -12.67 4.07 -13.76
N LEU B 77 -11.87 3.64 -12.80
CA LEU B 77 -10.86 2.62 -13.06
C LEU B 77 -10.91 1.57 -11.96
N VAL B 78 -11.44 0.39 -12.30
CA VAL B 78 -11.50 -0.68 -11.33
C VAL B 78 -10.23 -1.54 -11.42
N ASP B 79 -9.62 -1.80 -10.27
CA ASP B 79 -8.38 -2.56 -10.19
C ASP B 79 -8.62 -4.07 -10.12
N PHE B 80 -8.94 -4.68 -11.26
CA PHE B 80 -9.24 -6.11 -11.31
C PHE B 80 -8.00 -6.99 -11.41
N ARG B 81 -6.89 -6.57 -10.82
CA ARG B 81 -5.66 -7.36 -10.88
C ARG B 81 -5.85 -8.71 -10.19
N GLU B 82 -6.47 -8.69 -9.03
CA GLU B 82 -6.70 -9.90 -8.25
C GLU B 82 -7.68 -10.83 -8.95
N LEU B 83 -8.83 -10.27 -9.30
CA LEU B 83 -9.88 -11.03 -9.99
C LEU B 83 -9.30 -11.65 -11.26
N ASN B 84 -8.38 -10.93 -11.88
CA ASN B 84 -7.73 -11.39 -13.11
C ASN B 84 -6.95 -12.67 -12.83
N LYS B 85 -6.05 -12.60 -11.86
CA LYS B 85 -5.22 -13.73 -11.45
C LYS B 85 -6.09 -14.96 -11.15
N ARG B 86 -7.16 -14.76 -10.39
CA ARG B 86 -8.02 -15.85 -9.98
C ARG B 86 -8.87 -16.44 -11.11
N THR B 87 -8.76 -15.86 -12.30
CA THR B 87 -9.52 -16.32 -13.45
C THR B 87 -8.63 -16.64 -14.66
N GLN B 88 -7.32 -16.58 -14.46
CA GLN B 88 -6.36 -16.82 -15.53
C GLN B 88 -6.62 -18.00 -16.47
N ASP B 89 -7.35 -19.00 -16.01
CA ASP B 89 -7.61 -20.15 -16.87
C ASP B 89 -8.66 -19.82 -17.90
N PHE B 90 -9.61 -18.99 -17.51
CA PHE B 90 -10.68 -18.58 -18.42
C PHE B 90 -10.13 -17.71 -19.56
N TRP B 91 -9.59 -16.55 -19.21
CA TRP B 91 -9.07 -15.61 -20.20
C TRP B 91 -7.74 -15.98 -20.87
N GLU B 92 -7.11 -17.06 -20.47
CA GLU B 92 -5.82 -17.43 -21.04
C GLU B 92 -5.78 -18.77 -21.78
N VAL B 93 -6.04 -19.85 -21.05
CA VAL B 93 -6.02 -21.19 -21.62
C VAL B 93 -7.44 -21.72 -21.78
N GLN B 94 -8.27 -21.02 -22.54
CA GLN B 94 -9.64 -21.45 -22.71
C GLN B 94 -10.42 -20.51 -23.62
N LEU B 95 -10.14 -19.21 -23.48
CA LEU B 95 -10.80 -18.18 -24.28
C LEU B 95 -9.78 -17.09 -24.62
N GLY B 96 -8.55 -17.51 -24.94
CA GLY B 96 -7.45 -16.60 -25.25
C GLY B 96 -7.52 -15.88 -26.59
N ILE B 97 -6.92 -14.70 -26.61
CA ILE B 97 -6.86 -13.86 -27.82
C ILE B 97 -5.42 -13.87 -28.30
N PRO B 98 -5.16 -14.60 -29.40
CA PRO B 98 -3.84 -14.77 -30.01
C PRO B 98 -3.17 -13.43 -30.31
N HIS B 99 -1.88 -13.35 -29.99
CA HIS B 99 -1.10 -12.12 -30.22
C HIS B 99 -0.31 -12.24 -31.52
N PRO B 100 -0.39 -11.21 -32.38
CA PRO B 100 0.28 -11.20 -33.68
C PRO B 100 1.65 -10.56 -33.65
N ALA B 101 2.66 -11.36 -34.00
CA ALA B 101 4.04 -10.89 -34.05
C ALA B 101 4.22 -9.83 -35.13
N GLY B 102 3.21 -9.68 -35.99
CA GLY B 102 3.26 -8.69 -37.04
C GLY B 102 3.24 -7.28 -36.47
N LEU B 103 2.40 -7.08 -35.45
CA LEU B 103 2.21 -5.77 -34.82
C LEU B 103 3.48 -4.96 -34.64
N LYS B 104 4.44 -5.51 -33.91
CA LYS B 104 5.71 -4.81 -33.63
C LYS B 104 6.46 -4.35 -34.87
N LYS B 105 6.16 -4.95 -36.00
CA LYS B 105 6.84 -4.62 -37.25
C LYS B 105 6.28 -3.43 -38.02
N LYS B 106 5.02 -3.09 -37.75
CA LYS B 106 4.33 -2.00 -38.45
C LYS B 106 4.97 -0.62 -38.19
N LYS B 107 4.93 0.23 -39.21
CA LYS B 107 5.52 1.58 -39.09
C LYS B 107 4.71 2.36 -38.08
N SER B 108 3.39 2.22 -38.15
CA SER B 108 2.50 2.95 -37.24
C SER B 108 1.48 2.04 -36.60
N VAL B 109 1.30 2.20 -35.29
CA VAL B 109 0.29 1.46 -34.54
C VAL B 109 -0.55 2.48 -33.77
N THR B 110 -1.87 2.40 -33.92
CA THR B 110 -2.77 3.31 -33.22
C THR B 110 -3.56 2.56 -32.16
N VAL B 111 -3.79 3.23 -31.03
CA VAL B 111 -4.53 2.66 -29.91
C VAL B 111 -5.91 3.31 -29.72
N LEU B 112 -6.95 2.48 -29.74
CA LEU B 112 -8.33 2.97 -29.55
C LEU B 112 -8.99 2.32 -28.33
N ASP B 113 -9.81 3.06 -27.59
CA ASP B 113 -10.54 2.48 -26.48
C ASP B 113 -11.76 1.74 -26.99
N VAL B 114 -12.02 0.58 -26.42
CA VAL B 114 -13.10 -0.27 -26.90
C VAL B 114 -13.97 -0.80 -25.75
N GLY B 115 -13.56 -0.46 -24.52
CA GLY B 115 -14.20 -0.86 -23.27
C GLY B 115 -15.70 -0.63 -23.19
N ASP B 116 -16.21 0.26 -24.04
CA ASP B 116 -17.63 0.57 -24.07
C ASP B 116 -18.43 -0.54 -24.75
N ALA B 117 -17.74 -1.46 -25.40
CA ALA B 117 -18.38 -2.56 -26.09
C ALA B 117 -18.96 -3.55 -25.11
N TYR B 118 -18.39 -3.59 -23.91
CA TYR B 118 -18.79 -4.56 -22.89
C TYR B 118 -20.11 -4.33 -22.17
N PHE B 119 -20.49 -3.08 -21.97
CA PHE B 119 -21.71 -2.79 -21.24
C PHE B 119 -22.98 -3.19 -21.97
N SER B 120 -22.81 -3.73 -23.18
CA SER B 120 -23.92 -4.18 -24.01
C SER B 120 -24.06 -5.69 -23.85
N VAL B 121 -23.11 -6.29 -23.16
CA VAL B 121 -23.07 -7.74 -22.95
C VAL B 121 -23.26 -8.09 -21.48
N PRO B 122 -24.15 -9.06 -21.19
CA PRO B 122 -24.36 -9.39 -19.78
C PRO B 122 -23.37 -10.40 -19.20
N LEU B 123 -23.13 -10.25 -17.89
CA LEU B 123 -22.21 -11.09 -17.15
C LEU B 123 -22.95 -12.26 -16.51
N ASP B 124 -22.33 -13.44 -16.54
CA ASP B 124 -22.88 -14.64 -15.95
C ASP B 124 -23.34 -14.35 -14.51
N GLU B 125 -24.63 -14.51 -14.25
CA GLU B 125 -25.22 -14.25 -12.95
C GLU B 125 -24.39 -14.77 -11.79
N ASP B 126 -23.87 -15.98 -11.96
CA ASP B 126 -23.09 -16.64 -10.91
C ASP B 126 -21.66 -16.11 -10.73
N PHE B 127 -21.23 -15.23 -11.63
CA PHE B 127 -19.90 -14.66 -11.51
C PHE B 127 -19.96 -13.24 -10.95
N ARG B 128 -21.12 -12.62 -11.10
CA ARG B 128 -21.30 -11.25 -10.65
C ARG B 128 -20.70 -10.84 -9.30
N LYS B 129 -20.89 -11.66 -8.29
CA LYS B 129 -20.40 -11.31 -6.95
C LYS B 129 -18.93 -10.93 -6.94
N TYR B 130 -18.13 -11.71 -7.67
CA TYR B 130 -16.69 -11.51 -7.72
C TYR B 130 -16.26 -10.13 -8.18
N THR B 131 -17.20 -9.39 -8.76
CA THR B 131 -16.91 -8.04 -9.27
C THR B 131 -17.32 -6.93 -8.30
N ALA B 132 -17.48 -7.26 -7.03
CA ALA B 132 -17.87 -6.26 -6.05
C ALA B 132 -16.78 -5.21 -5.78
N PHE B 133 -17.22 -3.98 -5.52
CA PHE B 133 -16.31 -2.88 -5.20
C PHE B 133 -17.02 -1.90 -4.28
N THR B 134 -16.27 -0.95 -3.73
CA THR B 134 -16.84 -0.01 -2.77
C THR B 134 -16.48 1.45 -3.06
N ILE B 135 -17.41 2.36 -2.79
CA ILE B 135 -17.14 3.78 -2.90
C ILE B 135 -17.06 4.23 -1.46
N PRO B 136 -15.83 4.50 -0.97
CA PRO B 136 -15.67 4.85 0.44
C PRO B 136 -16.21 6.23 0.82
N SER B 137 -16.53 6.39 2.10
CA SER B 137 -16.98 7.69 2.60
C SER B 137 -15.74 8.37 3.17
N ILE B 138 -15.92 9.55 3.75
CA ILE B 138 -14.81 10.28 4.33
C ILE B 138 -14.87 10.20 5.84
N ASN B 139 -13.71 10.00 6.47
CA ASN B 139 -13.64 9.94 7.93
C ASN B 139 -14.67 8.93 8.41
N ASN B 140 -14.93 7.94 7.57
CA ASN B 140 -15.89 6.90 7.88
C ASN B 140 -17.24 7.37 8.37
N GLU B 141 -17.71 8.48 7.80
CA GLU B 141 -19.03 9.03 8.12
C GLU B 141 -20.05 7.92 7.94
N THR B 142 -19.93 7.20 6.84
CA THR B 142 -20.88 6.15 6.51
C THR B 142 -20.25 4.93 5.88
N PRO B 143 -21.08 3.90 5.66
CA PRO B 143 -20.68 2.67 4.99
C PRO B 143 -20.49 3.03 3.52
N GLY B 144 -19.54 2.38 2.86
CA GLY B 144 -19.31 2.69 1.47
C GLY B 144 -20.49 2.21 0.66
N ILE B 145 -20.55 2.62 -0.60
CA ILE B 145 -21.60 2.18 -1.50
C ILE B 145 -21.05 0.94 -2.18
N ARG B 146 -21.65 -0.20 -1.87
CA ARG B 146 -21.22 -1.44 -2.47
C ARG B 146 -21.92 -1.67 -3.80
N TYR B 147 -21.19 -2.17 -4.78
CA TYR B 147 -21.76 -2.44 -6.10
C TYR B 147 -21.19 -3.73 -6.66
N GLN B 148 -21.86 -4.25 -7.67
CA GLN B 148 -21.38 -5.43 -8.40
C GLN B 148 -21.89 -5.27 -9.83
N TYR B 149 -21.13 -5.80 -10.78
CA TYR B 149 -21.46 -5.64 -12.19
C TYR B 149 -22.55 -6.58 -12.68
N ASN B 150 -23.29 -6.14 -13.68
CA ASN B 150 -24.30 -6.97 -14.31
C ASN B 150 -23.82 -7.23 -15.72
N VAL B 151 -22.81 -6.49 -16.15
CA VAL B 151 -22.26 -6.61 -17.49
C VAL B 151 -20.75 -6.77 -17.47
N LEU B 152 -20.19 -7.13 -18.62
CA LEU B 152 -18.73 -7.29 -18.74
C LEU B 152 -18.07 -6.02 -18.22
N PRO B 153 -17.24 -6.14 -17.18
CA PRO B 153 -16.61 -4.93 -16.64
C PRO B 153 -15.33 -4.59 -17.39
N GLN B 154 -15.12 -3.31 -17.61
CA GLN B 154 -13.89 -2.88 -18.24
C GLN B 154 -12.80 -3.21 -17.20
N GLY B 155 -11.60 -3.53 -17.65
CA GLY B 155 -10.53 -3.84 -16.72
C GLY B 155 -10.40 -5.32 -16.41
N TRP B 156 -11.50 -6.06 -16.54
CA TRP B 156 -11.48 -7.50 -16.29
C TRP B 156 -11.06 -8.21 -17.57
N LYS B 157 -10.02 -9.02 -17.48
CA LYS B 157 -9.50 -9.73 -18.65
C LYS B 157 -10.43 -10.78 -19.25
N GLY B 158 -11.55 -11.04 -18.60
CA GLY B 158 -12.49 -12.01 -19.13
C GLY B 158 -13.37 -11.34 -20.17
N SER B 159 -13.53 -10.03 -20.04
CA SER B 159 -14.36 -9.23 -20.94
C SER B 159 -13.98 -9.40 -22.42
N PRO B 160 -12.74 -9.04 -22.79
CA PRO B 160 -12.36 -9.19 -24.20
C PRO B 160 -12.31 -10.65 -24.64
N ALA B 161 -12.20 -11.55 -23.67
CA ALA B 161 -12.14 -12.97 -23.95
C ALA B 161 -13.51 -13.38 -24.45
N ILE B 162 -14.53 -12.92 -23.75
CA ILE B 162 -15.91 -13.18 -24.11
C ILE B 162 -16.26 -12.44 -25.39
N PHE B 163 -16.10 -11.12 -25.36
CA PHE B 163 -16.41 -10.26 -26.49
C PHE B 163 -15.68 -10.61 -27.78
N GLN B 164 -14.65 -11.44 -27.68
CA GLN B 164 -13.84 -11.88 -28.82
C GLN B 164 -14.66 -12.15 -30.08
N SER B 165 -15.66 -13.02 -29.94
CA SER B 165 -16.55 -13.40 -31.03
C SER B 165 -17.24 -12.20 -31.68
N SER B 166 -17.84 -11.35 -30.86
CA SER B 166 -18.53 -10.16 -31.36
C SER B 166 -17.54 -9.22 -32.04
N MET B 167 -16.36 -9.06 -31.45
CA MET B 167 -15.32 -8.21 -32.02
C MET B 167 -14.94 -8.72 -33.40
N THR B 168 -14.76 -10.03 -33.52
CA THR B 168 -14.38 -10.65 -34.78
C THR B 168 -15.35 -10.28 -35.88
N LYS B 169 -16.62 -10.20 -35.51
CA LYS B 169 -17.69 -9.87 -36.46
C LYS B 169 -17.64 -8.40 -36.85
N ILE B 170 -17.55 -7.54 -35.84
CA ILE B 170 -17.48 -6.09 -36.02
C ILE B 170 -16.36 -5.70 -36.99
N LEU B 171 -15.27 -6.45 -36.98
CA LEU B 171 -14.10 -6.13 -37.78
C LEU B 171 -13.94 -6.85 -39.11
N GLU B 172 -14.73 -7.89 -39.34
CA GLU B 172 -14.59 -8.70 -40.56
C GLU B 172 -14.50 -7.89 -41.86
N PRO B 173 -15.45 -6.97 -42.08
CA PRO B 173 -15.36 -6.17 -43.31
C PRO B 173 -14.04 -5.42 -43.42
N PHE B 174 -13.75 -4.54 -42.45
CA PHE B 174 -12.51 -3.76 -42.47
C PHE B 174 -11.27 -4.60 -42.72
N ARG B 175 -11.13 -5.70 -41.99
CA ARG B 175 -9.97 -6.57 -42.13
C ARG B 175 -9.87 -7.14 -43.54
N LYS B 176 -10.99 -7.67 -44.03
CA LYS B 176 -11.10 -8.23 -45.37
C LYS B 176 -10.64 -7.23 -46.43
N GLN B 177 -10.92 -5.95 -46.19
CA GLN B 177 -10.57 -4.90 -47.15
C GLN B 177 -9.20 -4.29 -46.95
N ASN B 178 -8.52 -4.66 -45.87
CA ASN B 178 -7.18 -4.16 -45.58
C ASN B 178 -6.33 -5.25 -44.96
N PRO B 179 -6.12 -6.35 -45.70
CA PRO B 179 -5.36 -7.54 -45.33
C PRO B 179 -3.95 -7.22 -44.81
N ASP B 180 -3.50 -5.99 -44.97
CA ASP B 180 -2.17 -5.61 -44.53
C ASP B 180 -2.18 -4.75 -43.25
N ILE B 181 -3.36 -4.66 -42.64
CA ILE B 181 -3.52 -3.92 -41.40
C ILE B 181 -3.70 -4.96 -40.30
N VAL B 182 -2.96 -4.79 -39.21
CA VAL B 182 -3.06 -5.70 -38.08
C VAL B 182 -3.83 -5.06 -36.93
N ILE B 183 -4.85 -5.76 -36.45
CA ILE B 183 -5.67 -5.28 -35.36
C ILE B 183 -5.59 -6.27 -34.21
N TYR B 184 -5.00 -5.85 -33.10
CA TYR B 184 -4.87 -6.69 -31.92
C TYR B 184 -5.69 -6.08 -30.80
N GLN B 185 -6.34 -6.92 -30.02
CA GLN B 185 -7.15 -6.43 -28.91
C GLN B 185 -6.56 -6.88 -27.58
N TYR B 186 -6.08 -5.92 -26.79
CA TYR B 186 -5.58 -6.24 -25.47
C TYR B 186 -6.40 -5.49 -24.44
N MET B 187 -7.30 -6.23 -23.79
CA MET B 187 -8.20 -5.65 -22.80
C MET B 187 -9.15 -4.60 -23.35
N ASP B 188 -9.16 -3.41 -22.77
CA ASP B 188 -10.07 -2.35 -23.22
C ASP B 188 -9.69 -1.73 -24.56
N ASP B 189 -8.46 -1.94 -24.99
CA ASP B 189 -7.94 -1.32 -26.20
C ASP B 189 -7.78 -2.15 -27.46
N LEU B 190 -7.73 -1.42 -28.57
CA LEU B 190 -7.55 -1.98 -29.89
C LEU B 190 -6.27 -1.42 -30.45
N TYR B 191 -5.39 -2.32 -30.91
CA TYR B 191 -4.12 -1.92 -31.51
C TYR B 191 -4.24 -2.17 -33.01
N VAL B 192 -4.05 -1.12 -33.79
CA VAL B 192 -4.17 -1.19 -35.24
C VAL B 192 -2.88 -0.77 -35.89
N GLY B 193 -2.21 -1.71 -36.54
CA GLY B 193 -0.95 -1.42 -37.19
C GLY B 193 -0.99 -1.45 -38.70
N SER B 194 -0.21 -0.56 -39.31
CA SER B 194 -0.12 -0.50 -40.76
C SER B 194 1.19 0.17 -41.16
N ASP B 195 1.63 -0.12 -42.38
CA ASP B 195 2.86 0.46 -42.90
C ASP B 195 2.54 1.59 -43.88
N LEU B 196 1.30 2.09 -43.79
CA LEU B 196 0.80 3.16 -44.64
C LEU B 196 1.42 4.51 -44.33
N GLU B 197 1.26 5.44 -45.26
CA GLU B 197 1.71 6.80 -45.06
C GLU B 197 0.88 7.23 -43.84
N ILE B 198 1.42 8.14 -43.04
CA ILE B 198 0.70 8.55 -41.84
C ILE B 198 -0.73 8.99 -42.16
N GLY B 199 -0.91 9.74 -43.24
CA GLY B 199 -2.21 10.24 -43.65
C GLY B 199 -3.17 9.14 -44.07
N GLN B 200 -2.65 8.11 -44.72
CA GLN B 200 -3.48 6.98 -45.14
C GLN B 200 -3.77 6.14 -43.90
N HIS B 201 -2.80 6.11 -42.99
CA HIS B 201 -2.97 5.39 -41.74
C HIS B 201 -4.09 6.09 -40.97
N ARG B 202 -3.88 7.37 -40.64
CA ARG B 202 -4.86 8.16 -39.93
C ARG B 202 -6.23 8.06 -40.58
N THR B 203 -6.24 7.88 -41.90
CA THR B 203 -7.48 7.79 -42.64
C THR B 203 -8.17 6.45 -42.39
N LYS B 204 -7.41 5.38 -42.45
CA LYS B 204 -7.96 4.05 -42.22
C LYS B 204 -8.47 3.93 -40.78
N ILE B 205 -7.80 4.59 -39.85
CA ILE B 205 -8.24 4.54 -38.46
C ILE B 205 -9.62 5.17 -38.35
N GLU B 206 -9.80 6.34 -38.95
CA GLU B 206 -11.09 7.01 -38.94
C GLU B 206 -12.13 6.14 -39.63
N GLU B 207 -11.70 5.41 -40.65
CA GLU B 207 -12.58 4.50 -41.39
C GLU B 207 -12.96 3.34 -40.47
N LEU B 208 -11.97 2.87 -39.71
CA LEU B 208 -12.15 1.77 -38.76
C LEU B 208 -13.09 2.21 -37.63
N ARG B 209 -13.01 3.48 -37.25
CA ARG B 209 -13.83 4.04 -36.17
C ARG B 209 -15.30 4.04 -36.55
N GLN B 210 -15.57 4.21 -37.84
CA GLN B 210 -16.94 4.25 -38.34
C GLN B 210 -17.60 2.90 -38.24
N HIS B 211 -16.87 1.85 -38.63
CA HIS B 211 -17.38 0.50 -38.52
C HIS B 211 -17.76 0.32 -37.07
N LEU B 212 -16.79 0.58 -36.19
CA LEU B 212 -17.00 0.49 -34.75
C LEU B 212 -18.27 1.20 -34.32
N LEU B 213 -18.46 2.40 -34.88
CA LEU B 213 -19.60 3.26 -34.58
C LEU B 213 -20.98 2.68 -34.90
N ARG B 214 -21.06 1.77 -35.87
CA ARG B 214 -22.33 1.15 -36.26
C ARG B 214 -22.77 0.06 -35.29
N TRP B 215 -21.90 -0.27 -34.34
CA TRP B 215 -22.21 -1.28 -33.34
C TRP B 215 -22.20 -0.63 -31.95
N GLY B 216 -22.03 0.69 -31.93
CA GLY B 216 -22.00 1.46 -30.69
C GLY B 216 -20.61 2.00 -30.37
N LEU B 217 -19.62 1.12 -30.35
CA LEU B 217 -18.24 1.46 -30.02
C LEU B 217 -17.78 2.83 -30.53
N THR B 218 -17.22 3.63 -29.61
CA THR B 218 -16.74 4.97 -29.95
C THR B 218 -15.28 5.15 -29.49
N GLY B 234 -6.76 8.89 -32.78
CA GLY B 234 -6.20 7.93 -31.85
C GLY B 234 -4.86 8.35 -31.24
N TYR B 235 -4.17 7.38 -30.67
CA TYR B 235 -2.87 7.60 -30.02
C TYR B 235 -1.81 6.81 -30.80
N GLU B 236 -0.98 7.53 -31.56
CA GLU B 236 -0.01 6.95 -32.48
C GLU B 236 1.36 6.44 -31.98
N LEU B 237 1.57 5.14 -32.09
CA LEU B 237 2.83 4.50 -31.73
C LEU B 237 3.60 4.18 -33.01
N HIS B 238 4.92 4.13 -32.91
CA HIS B 238 5.75 3.80 -34.07
C HIS B 238 6.80 2.77 -33.68
N PRO B 239 6.36 1.52 -33.45
CA PRO B 239 7.12 0.35 -33.03
C PRO B 239 8.42 0.13 -33.81
N ASP B 240 8.30 -0.07 -35.12
CA ASP B 240 9.47 -0.33 -35.96
C ASP B 240 10.67 0.59 -35.70
N LYS B 241 10.39 1.80 -35.22
CA LYS B 241 11.45 2.75 -34.90
C LYS B 241 11.86 2.65 -33.43
N TRP B 242 11.57 1.50 -32.83
CA TRP B 242 11.92 1.22 -31.44
C TRP B 242 13.23 0.45 -31.45
N THR B 243 14.35 1.16 -31.29
CA THR B 243 15.65 0.50 -31.33
C THR B 243 16.38 0.22 -30.02
N VAL B 244 17.68 -0.03 -30.15
CA VAL B 244 18.57 -0.41 -29.06
C VAL B 244 18.68 0.49 -27.84
N GLN B 245 19.85 0.40 -27.23
CA GLN B 245 20.24 1.14 -26.03
C GLN B 245 21.37 0.32 -25.41
N PRO B 246 22.38 -0.01 -26.22
CA PRO B 246 23.48 -0.86 -25.73
C PRO B 246 24.19 -0.25 -24.53
N ILE B 247 24.84 -1.09 -23.75
CA ILE B 247 25.63 -0.60 -22.63
C ILE B 247 26.65 0.28 -23.36
N VAL B 248 26.77 1.53 -22.94
CA VAL B 248 27.66 2.44 -23.65
C VAL B 248 28.97 2.78 -22.94
N LEU B 249 30.07 2.36 -23.55
CA LEU B 249 31.40 2.60 -22.99
C LEU B 249 31.95 3.92 -23.52
N PRO B 250 32.52 4.72 -22.62
CA PRO B 250 33.11 6.04 -22.86
C PRO B 250 34.32 6.01 -23.82
N GLU B 251 34.40 7.05 -24.65
CA GLU B 251 35.52 7.22 -25.56
C GLU B 251 36.28 8.43 -25.00
N LYS B 252 37.60 8.36 -24.94
CA LYS B 252 38.33 9.48 -24.36
C LYS B 252 39.83 9.59 -24.63
N ASP B 253 40.36 10.77 -24.30
CA ASP B 253 41.76 11.10 -24.45
C ASP B 253 42.27 11.34 -23.03
N SER B 254 43.27 10.54 -22.62
CA SER B 254 43.83 10.62 -21.28
C SER B 254 42.91 9.90 -20.28
N TRP B 255 43.31 8.69 -19.90
CA TRP B 255 42.53 7.91 -18.96
C TRP B 255 43.11 8.02 -17.55
N THR B 256 42.28 7.72 -16.57
CA THR B 256 42.70 7.79 -15.18
C THR B 256 42.54 6.40 -14.58
N VAL B 257 43.18 6.16 -13.44
CA VAL B 257 43.06 4.87 -12.78
C VAL B 257 41.57 4.63 -12.53
N ASN B 258 40.91 5.67 -12.05
CA ASN B 258 39.47 5.65 -11.79
C ASN B 258 38.63 5.20 -12.99
N ASP B 259 38.77 5.91 -14.11
CA ASP B 259 38.02 5.62 -15.32
C ASP B 259 38.19 4.19 -15.79
N ILE B 260 39.38 3.65 -15.60
CA ILE B 260 39.66 2.27 -15.98
C ILE B 260 38.86 1.40 -15.03
N GLN B 261 39.01 1.69 -13.74
CA GLN B 261 38.30 1.01 -12.68
C GLN B 261 36.80 0.98 -12.97
N LYS B 262 36.26 2.15 -13.31
CA LYS B 262 34.85 2.26 -13.66
C LYS B 262 34.60 1.41 -14.91
N LEU B 263 35.51 1.53 -15.87
CA LEU B 263 35.44 0.79 -17.12
C LEU B 263 35.47 -0.72 -16.95
N VAL B 264 36.43 -1.23 -16.18
CA VAL B 264 36.50 -2.67 -15.99
C VAL B 264 35.36 -3.19 -15.12
N GLY B 265 34.78 -2.32 -14.30
CA GLY B 265 33.68 -2.69 -13.45
C GLY B 265 32.41 -2.79 -14.27
N LYS B 266 32.20 -1.78 -15.12
CA LYS B 266 31.04 -1.71 -16.00
C LYS B 266 31.13 -2.80 -17.06
N LEU B 267 32.34 -3.05 -17.54
CA LEU B 267 32.58 -4.07 -18.54
C LEU B 267 32.41 -5.44 -17.91
N ASN B 268 32.86 -5.57 -16.67
CA ASN B 268 32.73 -6.83 -15.95
C ASN B 268 31.28 -7.21 -15.80
N TRP B 269 30.47 -6.26 -15.31
CA TRP B 269 29.04 -6.50 -15.13
C TRP B 269 28.32 -6.69 -16.47
N ALA B 270 28.88 -6.13 -17.53
CA ALA B 270 28.31 -6.27 -18.87
C ALA B 270 28.42 -7.72 -19.30
N SER B 271 29.38 -8.44 -18.72
CA SER B 271 29.56 -9.85 -19.02
C SER B 271 28.40 -10.59 -18.38
N GLN B 272 28.52 -11.91 -18.26
CA GLN B 272 27.45 -12.75 -17.72
C GLN B 272 26.17 -12.61 -18.55
N ILE B 273 25.80 -11.36 -18.86
CA ILE B 273 24.64 -11.09 -19.69
C ILE B 273 25.12 -11.03 -21.15
N TYR B 274 26.25 -10.38 -21.38
CA TYR B 274 26.82 -10.32 -22.72
C TYR B 274 27.91 -11.38 -22.86
N PRO B 275 27.81 -12.20 -23.91
CA PRO B 275 28.69 -13.34 -24.23
C PRO B 275 30.05 -12.99 -24.84
N GLY B 276 31.11 -13.16 -24.06
CA GLY B 276 32.46 -12.94 -24.54
C GLY B 276 33.08 -11.58 -24.32
N ILE B 277 32.92 -11.02 -23.12
CA ILE B 277 33.50 -9.72 -22.81
C ILE B 277 34.85 -9.89 -22.13
N LYS B 278 35.90 -9.32 -22.73
CA LYS B 278 37.26 -9.47 -22.23
C LYS B 278 37.74 -8.24 -21.46
N VAL B 279 38.43 -8.47 -20.34
CA VAL B 279 38.92 -7.38 -19.50
C VAL B 279 40.40 -7.45 -19.12
N ARG B 280 41.04 -8.58 -19.41
CA ARG B 280 42.44 -8.79 -19.06
C ARG B 280 43.35 -7.60 -19.38
N GLN B 281 43.35 -7.19 -20.64
CA GLN B 281 44.18 -6.07 -21.09
C GLN B 281 44.01 -4.85 -20.18
N LEU B 282 42.80 -4.32 -20.14
CA LEU B 282 42.47 -3.17 -19.32
C LEU B 282 42.97 -3.35 -17.89
N CYS B 283 42.90 -4.59 -17.41
CA CYS B 283 43.29 -4.91 -16.04
C CYS B 283 44.77 -4.74 -15.69
N LYS B 284 45.65 -5.26 -16.53
CA LYS B 284 47.08 -5.16 -16.26
C LYS B 284 47.60 -3.72 -16.22
N LEU B 285 46.85 -2.78 -16.79
CA LEU B 285 47.26 -1.38 -16.76
C LEU B 285 47.15 -0.91 -15.32
N LEU B 286 46.23 -1.57 -14.59
CA LEU B 286 46.02 -1.29 -13.18
C LEU B 286 46.87 -2.28 -12.38
N ARG B 287 48.16 -1.97 -12.26
CA ARG B 287 49.09 -2.84 -11.54
C ARG B 287 49.88 -2.09 -10.49
N GLY B 288 49.81 -2.61 -9.25
CA GLY B 288 50.44 -2.00 -8.10
C GLY B 288 49.32 -1.25 -7.44
N THR B 289 49.63 -0.31 -6.55
CA THR B 289 48.60 0.49 -5.90
C THR B 289 48.82 1.97 -6.21
N LYS B 290 48.24 2.41 -7.33
CA LYS B 290 48.40 3.79 -7.78
C LYS B 290 47.29 4.72 -7.33
N ALA B 291 47.55 6.02 -7.44
CA ALA B 291 46.57 7.03 -7.12
C ALA B 291 45.43 6.89 -8.12
N LEU B 292 44.28 7.48 -7.80
CA LEU B 292 43.13 7.40 -8.71
C LEU B 292 43.31 8.41 -9.83
N THR B 293 43.76 9.61 -9.45
CA THR B 293 44.00 10.70 -10.39
C THR B 293 45.08 10.38 -11.44
N GLU B 294 46.06 9.56 -11.06
CA GLU B 294 47.14 9.18 -11.96
C GLU B 294 46.65 8.77 -13.34
N VAL B 295 47.24 9.37 -14.38
CA VAL B 295 46.87 9.10 -15.77
C VAL B 295 47.63 7.91 -16.34
N ILE B 296 46.96 7.11 -17.16
CA ILE B 296 47.62 5.96 -17.77
C ILE B 296 47.32 5.77 -19.25
N PRO B 297 48.39 5.59 -20.04
CA PRO B 297 48.39 5.35 -21.49
C PRO B 297 47.79 3.99 -21.79
N LEU B 298 46.87 3.96 -22.75
CA LEU B 298 46.22 2.71 -23.11
C LEU B 298 47.01 1.92 -24.13
N THR B 299 47.42 0.72 -23.75
CA THR B 299 48.13 -0.18 -24.66
C THR B 299 47.11 -0.53 -25.74
N GLU B 300 47.51 -0.40 -27.00
CA GLU B 300 46.59 -0.64 -28.12
C GLU B 300 45.74 -1.91 -28.08
N GLU B 301 46.31 -3.02 -27.64
CA GLU B 301 45.56 -4.27 -27.53
C GLU B 301 44.34 -4.00 -26.66
N ALA B 302 44.54 -3.17 -25.64
CA ALA B 302 43.45 -2.80 -24.75
C ALA B 302 42.34 -2.22 -25.60
N GLU B 303 42.73 -1.36 -26.55
CA GLU B 303 41.77 -0.75 -27.47
C GLU B 303 41.09 -1.83 -28.29
N LEU B 304 41.80 -2.92 -28.54
CA LEU B 304 41.24 -4.05 -29.28
C LEU B 304 40.04 -4.56 -28.47
N GLU B 305 40.22 -4.60 -27.15
CA GLU B 305 39.18 -5.05 -26.23
C GLU B 305 38.01 -4.06 -26.23
N LEU B 306 38.31 -2.79 -26.04
CA LEU B 306 37.28 -1.75 -26.08
C LEU B 306 36.53 -1.93 -27.39
N ALA B 307 37.30 -2.20 -28.44
CA ALA B 307 36.76 -2.43 -29.77
C ALA B 307 35.85 -3.65 -29.80
N GLU B 308 36.39 -4.79 -29.41
CA GLU B 308 35.63 -6.04 -29.40
C GLU B 308 34.41 -5.92 -28.49
N ASN B 309 34.59 -5.27 -27.35
CA ASN B 309 33.50 -5.08 -26.40
C ASN B 309 32.48 -4.09 -26.96
N ARG B 310 32.97 -2.93 -27.42
CA ARG B 310 32.10 -1.93 -28.01
C ARG B 310 31.30 -2.58 -29.13
N GLU B 311 31.99 -3.28 -30.01
CA GLU B 311 31.35 -3.97 -31.13
C GLU B 311 30.38 -4.99 -30.56
N ILE B 312 30.83 -5.74 -29.57
CA ILE B 312 30.03 -6.76 -28.91
C ILE B 312 28.76 -6.15 -28.31
N LEU B 313 28.95 -5.05 -27.59
CA LEU B 313 27.86 -4.36 -26.90
C LEU B 313 26.81 -3.77 -27.86
N LYS B 314 27.24 -3.43 -29.07
CA LYS B 314 26.35 -2.80 -30.05
C LYS B 314 25.42 -3.79 -30.75
N GLU B 315 25.41 -5.04 -30.30
CA GLU B 315 24.55 -6.06 -30.91
C GLU B 315 23.53 -6.62 -29.92
N PRO B 316 22.68 -7.55 -30.39
CA PRO B 316 21.71 -8.19 -29.51
C PRO B 316 22.44 -9.11 -28.54
N VAL B 317 21.74 -10.03 -27.92
CA VAL B 317 22.37 -10.92 -26.96
C VAL B 317 22.77 -12.31 -27.45
N HIS B 318 21.88 -12.95 -28.19
CA HIS B 318 22.10 -14.31 -28.67
C HIS B 318 21.84 -15.31 -27.54
N GLY B 319 20.84 -16.15 -27.75
CA GLY B 319 20.46 -17.16 -26.79
C GLY B 319 19.25 -16.76 -25.98
N VAL B 320 18.87 -15.49 -26.10
CA VAL B 320 17.73 -14.98 -25.35
C VAL B 320 16.46 -14.89 -26.19
N TYR B 321 15.48 -15.71 -25.82
CA TYR B 321 14.22 -15.77 -26.52
C TYR B 321 13.07 -15.67 -25.51
N TYR B 322 11.93 -15.17 -25.96
CA TYR B 322 10.77 -15.03 -25.07
C TYR B 322 10.03 -16.35 -24.89
N ASP B 323 9.75 -16.69 -23.63
CA ASP B 323 9.05 -17.91 -23.27
C ASP B 323 7.71 -17.54 -22.66
N PRO B 324 6.62 -17.68 -23.43
CA PRO B 324 5.21 -17.38 -23.19
C PRO B 324 4.71 -17.92 -21.85
N SER B 325 5.31 -19.01 -21.39
CA SER B 325 4.93 -19.61 -20.12
C SER B 325 5.64 -18.93 -18.95
N LYS B 326 6.38 -17.87 -19.25
CA LYS B 326 7.13 -17.15 -18.23
C LYS B 326 6.67 -15.71 -18.09
N ASP B 327 6.64 -15.23 -16.85
CA ASP B 327 6.27 -13.85 -16.56
C ASP B 327 7.37 -12.94 -17.10
N LEU B 328 6.98 -11.73 -17.46
CA LEU B 328 7.93 -10.75 -17.97
C LEU B 328 8.27 -9.83 -16.80
N ILE B 329 9.51 -9.35 -16.76
CA ILE B 329 9.92 -8.47 -15.68
C ILE B 329 10.56 -7.19 -16.19
N ALA B 330 10.28 -6.09 -15.50
CA ALA B 330 10.80 -4.79 -15.89
C ALA B 330 11.44 -4.06 -14.72
N GLU B 331 12.71 -3.69 -14.88
CA GLU B 331 13.41 -2.93 -13.86
C GLU B 331 13.55 -1.51 -14.38
N ILE B 332 13.46 -0.55 -13.47
CA ILE B 332 13.57 0.86 -13.85
C ILE B 332 14.57 1.51 -12.93
N GLN B 333 15.42 2.35 -13.50
CA GLN B 333 16.43 3.03 -12.70
C GLN B 333 16.30 4.52 -12.90
N LYS B 334 16.31 5.26 -11.79
CA LYS B 334 16.26 6.71 -11.87
C LYS B 334 17.69 7.15 -12.15
N GLN B 335 17.92 7.70 -13.33
CA GLN B 335 19.27 8.15 -13.70
C GLN B 335 19.55 9.57 -13.23
N GLY B 336 18.58 10.46 -13.46
CA GLY B 336 18.70 11.85 -13.06
C GLY B 336 18.27 12.76 -14.19
N GLN B 337 17.99 14.01 -13.88
CA GLN B 337 17.59 14.99 -14.89
C GLN B 337 16.51 14.50 -15.83
N GLY B 338 15.44 13.92 -15.27
CA GLY B 338 14.31 13.44 -16.04
C GLY B 338 14.55 12.21 -16.90
N GLN B 339 15.66 11.53 -16.66
CA GLN B 339 15.99 10.32 -17.41
C GLN B 339 15.83 9.05 -16.57
N TRP B 340 15.34 8.00 -17.20
CA TRP B 340 15.16 6.71 -16.55
C TRP B 340 15.53 5.62 -17.52
N THR B 341 16.13 4.56 -17.00
CA THR B 341 16.50 3.42 -17.82
C THR B 341 15.64 2.24 -17.40
N TYR B 342 15.50 1.26 -18.28
CA TYR B 342 14.68 0.11 -17.96
C TYR B 342 15.02 -1.09 -18.82
N GLN B 343 14.83 -2.28 -18.23
CA GLN B 343 15.12 -3.52 -18.93
C GLN B 343 13.95 -4.48 -18.73
N ILE B 344 13.66 -5.25 -19.76
CA ILE B 344 12.59 -6.23 -19.71
C ILE B 344 13.25 -7.59 -19.93
N TYR B 345 13.00 -8.52 -19.02
CA TYR B 345 13.59 -9.84 -19.10
C TYR B 345 12.69 -10.79 -18.33
N GLN B 346 12.96 -12.08 -18.47
CA GLN B 346 12.20 -13.11 -17.77
C GLN B 346 13.15 -13.78 -16.77
N GLU B 347 14.41 -13.90 -17.20
CA GLU B 347 15.49 -14.46 -16.40
C GLU B 347 16.54 -13.36 -16.20
N PRO B 348 16.88 -13.06 -14.94
CA PRO B 348 17.83 -12.00 -14.56
C PRO B 348 19.04 -11.97 -15.47
N PHE B 349 19.25 -10.81 -16.10
CA PHE B 349 20.37 -10.60 -17.02
C PHE B 349 20.13 -11.06 -18.46
N LYS B 350 19.07 -11.84 -18.66
CA LYS B 350 18.68 -12.28 -20.01
C LYS B 350 17.66 -11.27 -20.56
N ASN B 351 18.15 -10.08 -20.91
CA ASN B 351 17.32 -8.98 -21.38
C ASN B 351 16.66 -9.19 -22.72
N LEU B 352 15.33 -9.10 -22.73
CA LEU B 352 14.55 -9.25 -23.93
C LEU B 352 14.52 -7.89 -24.61
N LYS B 353 14.59 -6.84 -23.79
CA LYS B 353 14.57 -5.46 -24.29
C LYS B 353 14.98 -4.48 -23.20
N THR B 354 15.68 -3.43 -23.62
CA THR B 354 16.14 -2.37 -22.71
C THR B 354 16.05 -1.06 -23.45
N GLY B 355 15.83 0.03 -22.72
CA GLY B 355 15.72 1.35 -23.31
C GLY B 355 15.83 2.46 -22.30
N LYS B 356 15.29 3.62 -22.67
CA LYS B 356 15.32 4.78 -21.79
C LYS B 356 14.12 5.69 -22.01
N TYR B 357 13.49 6.11 -20.91
CA TYR B 357 12.40 7.05 -20.99
C TYR B 357 12.95 8.36 -20.46
N ALA B 358 12.78 9.42 -21.23
CA ALA B 358 13.27 10.72 -20.81
C ALA B 358 12.09 11.69 -20.80
N ARG B 359 11.94 12.39 -19.67
CA ARG B 359 10.86 13.36 -19.46
C ARG B 359 10.48 14.14 -20.72
N HIS B 364 7.17 20.66 -16.08
CA HIS B 364 6.62 20.52 -14.73
C HIS B 364 6.37 19.05 -14.35
N THR B 365 7.46 18.28 -14.28
CA THR B 365 7.35 16.86 -13.95
C THR B 365 8.13 16.48 -12.69
N ASN B 366 7.48 15.73 -11.80
CA ASN B 366 8.13 15.28 -10.58
C ASN B 366 8.49 13.80 -10.70
N ASP B 367 9.23 13.31 -9.72
CA ASP B 367 9.67 11.91 -9.74
C ASP B 367 8.56 10.90 -9.96
N VAL B 368 7.45 11.05 -9.25
CA VAL B 368 6.34 10.12 -9.39
C VAL B 368 5.65 10.24 -10.76
N LYS B 369 5.34 11.47 -11.15
CA LYS B 369 4.69 11.72 -12.44
C LYS B 369 5.49 11.04 -13.53
N GLN B 370 6.78 11.34 -13.55
CA GLN B 370 7.71 10.77 -14.52
C GLN B 370 7.77 9.25 -14.49
N LEU B 371 7.90 8.69 -13.29
CA LEU B 371 8.00 7.24 -13.15
C LEU B 371 6.70 6.58 -13.62
N THR B 372 5.58 7.22 -13.31
CA THR B 372 4.29 6.70 -13.76
C THR B 372 4.29 6.62 -15.28
N GLU B 373 4.72 7.71 -15.91
CA GLU B 373 4.77 7.81 -17.37
C GLU B 373 5.65 6.76 -18.02
N ALA B 374 6.69 6.34 -17.30
CA ALA B 374 7.58 5.30 -17.82
C ALA B 374 6.87 3.95 -17.74
N VAL B 375 6.27 3.69 -16.58
CA VAL B 375 5.53 2.45 -16.37
C VAL B 375 4.54 2.17 -17.49
N GLN B 376 3.74 3.17 -17.84
CA GLN B 376 2.76 2.99 -18.91
C GLN B 376 3.43 2.85 -20.26
N LYS B 377 4.43 3.67 -20.51
CA LYS B 377 5.17 3.63 -21.78
C LYS B 377 5.70 2.23 -22.03
N ILE B 378 6.45 1.71 -21.05
CA ILE B 378 7.02 0.37 -21.14
C ILE B 378 5.94 -0.68 -21.30
N THR B 379 4.91 -0.59 -20.47
CA THR B 379 3.81 -1.55 -20.52
C THR B 379 3.23 -1.64 -21.92
N THR B 380 2.80 -0.50 -22.45
CA THR B 380 2.20 -0.48 -23.79
C THR B 380 3.07 -1.14 -24.86
N GLU B 381 4.40 -1.00 -24.74
CA GLU B 381 5.35 -1.62 -25.67
C GLU B 381 5.33 -3.12 -25.47
N SER B 382 5.25 -3.52 -24.21
CA SER B 382 5.21 -4.93 -23.86
C SER B 382 3.97 -5.56 -24.48
N ILE B 383 2.85 -4.86 -24.39
CA ILE B 383 1.58 -5.33 -24.96
C ILE B 383 1.72 -5.52 -26.47
N VAL B 384 2.49 -4.64 -27.09
CA VAL B 384 2.69 -4.64 -28.53
C VAL B 384 3.67 -5.74 -28.97
N ILE B 385 4.78 -5.84 -28.26
CA ILE B 385 5.81 -6.82 -28.56
C ILE B 385 5.40 -8.24 -28.20
N TRP B 386 4.99 -8.46 -26.95
CA TRP B 386 4.65 -9.80 -26.47
C TRP B 386 3.17 -10.03 -26.14
N GLY B 387 2.37 -8.97 -26.20
CA GLY B 387 0.95 -9.09 -25.91
C GLY B 387 0.72 -9.54 -24.48
N LYS B 388 1.52 -8.98 -23.57
CA LYS B 388 1.41 -9.29 -22.15
C LYS B 388 2.19 -8.23 -21.36
N THR B 389 1.72 -7.92 -20.16
CA THR B 389 2.36 -6.87 -19.36
C THR B 389 3.43 -7.38 -18.40
N PRO B 390 4.48 -6.57 -18.17
CA PRO B 390 5.53 -6.99 -17.26
C PRO B 390 5.14 -6.77 -15.80
N LYS B 391 5.90 -7.35 -14.89
CA LYS B 391 5.70 -7.15 -13.46
C LYS B 391 6.80 -6.18 -13.11
N PHE B 392 6.41 -5.00 -12.66
CA PHE B 392 7.37 -3.96 -12.38
C PHE B 392 8.06 -4.03 -11.03
N LYS B 393 9.33 -3.65 -11.04
CA LYS B 393 10.16 -3.53 -9.86
C LYS B 393 10.44 -2.04 -9.78
N LEU B 394 9.63 -1.32 -9.01
CA LEU B 394 9.72 0.14 -8.89
C LEU B 394 10.65 0.68 -7.80
N PRO B 395 11.58 1.58 -8.17
CA PRO B 395 12.56 2.23 -7.29
C PRO B 395 11.92 3.34 -6.45
N ILE B 396 10.92 2.97 -5.64
CA ILE B 396 10.19 3.93 -4.83
C ILE B 396 9.67 3.32 -3.52
N GLN B 397 9.00 4.14 -2.73
CA GLN B 397 8.42 3.73 -1.45
C GLN B 397 7.00 3.28 -1.72
N LYS B 398 6.68 2.03 -1.37
CA LYS B 398 5.36 1.47 -1.60
C LYS B 398 4.26 2.46 -1.24
N GLU B 399 4.46 3.15 -0.12
CA GLU B 399 3.49 4.12 0.37
C GLU B 399 3.37 5.36 -0.51
N THR B 400 4.50 5.98 -0.85
CA THR B 400 4.48 7.16 -1.73
C THR B 400 3.74 6.82 -3.02
N TRP B 401 4.26 5.83 -3.73
CA TRP B 401 3.71 5.38 -4.99
C TRP B 401 2.21 5.19 -4.89
N GLU B 402 1.79 4.48 -3.85
CA GLU B 402 0.38 4.18 -3.67
C GLU B 402 -0.56 5.39 -3.54
N THR B 403 -0.16 6.39 -2.78
CA THR B 403 -0.99 7.57 -2.63
C THR B 403 -1.04 8.44 -3.88
N TRP B 404 0.07 8.47 -4.62
CA TRP B 404 0.21 9.34 -5.78
C TRP B 404 -0.03 8.80 -7.20
N TRP B 405 0.39 7.58 -7.48
CA TRP B 405 0.28 7.02 -8.83
C TRP B 405 -0.98 7.34 -9.64
N THR B 406 -2.12 7.39 -8.96
CA THR B 406 -3.38 7.67 -9.62
C THR B 406 -3.53 9.08 -10.20
N GLU B 407 -2.80 10.04 -9.65
CA GLU B 407 -2.88 11.41 -10.15
C GLU B 407 -2.35 11.50 -11.57
N TYR B 408 -1.62 10.48 -12.00
CA TYR B 408 -1.01 10.49 -13.33
C TYR B 408 -1.34 9.27 -14.17
N TRP B 409 -2.05 8.30 -13.61
CA TRP B 409 -2.41 7.13 -14.41
C TRP B 409 -3.37 7.53 -15.51
N GLN B 410 -3.15 6.96 -16.70
CA GLN B 410 -3.98 7.29 -17.84
C GLN B 410 -4.41 6.02 -18.56
N ALA B 411 -3.81 4.91 -18.18
CA ALA B 411 -4.11 3.62 -18.79
C ALA B 411 -5.39 3.03 -18.20
N THR B 412 -6.05 2.18 -19.00
CA THR B 412 -7.29 1.53 -18.59
C THR B 412 -6.96 0.22 -17.87
N TRP B 413 -5.67 -0.08 -17.83
CA TRP B 413 -5.17 -1.28 -17.15
C TRP B 413 -4.15 -0.88 -16.10
N ILE B 414 -3.70 -1.86 -15.32
CA ILE B 414 -2.69 -1.65 -14.29
C ILE B 414 -1.71 -2.83 -14.30
N PRO B 415 -0.41 -2.54 -14.38
CA PRO B 415 0.48 -3.70 -14.37
C PRO B 415 0.72 -4.12 -12.93
N GLU B 416 1.34 -5.28 -12.73
CA GLU B 416 1.66 -5.75 -11.39
C GLU B 416 2.98 -5.12 -10.98
N TRP B 417 3.13 -4.81 -9.70
CA TRP B 417 4.35 -4.17 -9.26
C TRP B 417 4.80 -4.47 -7.83
N GLU B 418 6.12 -4.58 -7.66
CA GLU B 418 6.73 -4.75 -6.36
C GLU B 418 7.70 -3.60 -6.21
N PHE B 419 8.12 -3.35 -4.97
CA PHE B 419 9.03 -2.23 -4.72
C PHE B 419 10.43 -2.70 -4.36
N VAL B 420 11.43 -2.05 -4.93
CA VAL B 420 12.81 -2.43 -4.69
C VAL B 420 13.73 -1.24 -4.38
N ASN B 421 14.94 -1.57 -3.95
CA ASN B 421 15.97 -0.58 -3.67
C ASN B 421 17.05 -0.77 -4.73
N THR B 422 17.07 0.10 -5.73
CA THR B 422 18.03 -0.01 -6.82
C THR B 422 19.46 -0.24 -6.33
N PRO B 423 20.22 -1.05 -7.08
CA PRO B 423 21.60 -1.38 -6.71
C PRO B 423 22.58 -0.35 -7.23
N PRO B 424 23.16 0.45 -6.33
CA PRO B 424 24.15 1.52 -6.48
C PRO B 424 24.89 1.49 -7.82
N LEU B 425 25.28 0.29 -8.24
CA LEU B 425 26.03 0.12 -9.48
C LEU B 425 25.15 0.02 -10.73
N VAL B 426 24.20 -0.92 -10.71
CA VAL B 426 23.27 -1.14 -11.81
C VAL B 426 22.79 0.14 -12.49
N LYS B 427 22.59 1.18 -11.68
CA LYS B 427 22.13 2.48 -12.19
C LYS B 427 23.16 3.07 -13.14
N LEU B 428 24.43 3.01 -12.75
CA LEU B 428 25.50 3.57 -13.57
C LEU B 428 25.82 2.65 -14.75
N TRP B 429 25.95 1.36 -14.47
CA TRP B 429 26.24 0.40 -15.52
C TRP B 429 25.22 0.48 -16.65
N TYR B 430 24.08 1.09 -16.36
CA TYR B 430 23.02 1.21 -17.36
C TYR B 430 22.81 2.62 -17.92
N GLN B 431 23.47 3.61 -17.33
CA GLN B 431 23.37 4.98 -17.79
C GLN B 431 24.08 5.13 -19.14
C M22 C . -21.64 14.83 15.35
C1 M22 C . -22.28 15.27 14.21
C2 M22 C . -21.85 16.35 13.48
C3 M22 C . -20.76 17.06 13.92
C4 M22 C . -20.10 16.69 15.08
C5 M22 C . -20.52 15.56 15.81
C6 M22 C . -20.40 12.10 15.89
C7 M22 C . -21.44 12.71 16.56
C8 M22 C . -21.75 12.29 17.87
C9 M22 C . -21.00 11.25 18.49
C10 M22 C . -19.94 10.64 17.79
C11 M22 C . -19.67 11.08 16.50
O M22 C . -22.20 13.71 15.98
CL M22 C . -18.41 10.37 15.60
O12 M22 C . -18.96 17.32 15.50
C13 M22 C . -18.79 18.31 16.50
C14 M22 C . -20.03 18.98 16.92
N M22 C . -20.73 19.78 16.11
N15 M22 C . -21.75 20.17 16.89
C16 M22 C . -20.61 18.85 18.21
C17 M22 C . -21.73 19.63 18.15
C18 M22 C . -22.57 19.75 19.23
C19 M22 C . -22.25 19.03 20.39
C20 M22 C . -21.11 18.23 20.48
C21 M22 C . -20.27 18.12 19.37
CL2 M22 C . -23.65 14.45 13.63
C23 M22 C . -21.31 10.80 19.83
N24 M22 C . -21.58 10.44 20.91
#